data_9JAX
#
_entry.id   9JAX
#
_cell.length_a   59.710
_cell.length_b   98.310
_cell.length_c   73.500
_cell.angle_alpha   90.00
_cell.angle_beta   110.41
_cell.angle_gamma   90.00
#
_symmetry.space_group_name_H-M   'P 1 21 1'
#
loop_
_entity.id
_entity.type
_entity.pdbx_description
1 polymer 'ADP-ribose pyrophosphatase'
2 non-polymer DI(HYDROXYETHYL)ETHER
3 non-polymer '2-(N-MORPHOLINO)-ETHANESULFONIC ACID'
4 non-polymer 'polyethylene glycol'
5 water water
#
_entity_poly.entity_id   1
_entity_poly.type   'polypeptide(L)'
_entity_poly.pdbx_seq_one_letter_code
;MGKLFEEKTIKTEQIFSGRVVKLQVDDVELPNGQTSKREIVRHPGAVAVIAITNENKIVMVEQYRKPLEKSIVEIPAGKL
EKGEDPRITALRELEEETGYECEQMEWLISFATSPGFADEIIHIYVAKGLSKKENAAGLDEDEFVDLIELTLDEALQYIK
EQRIYDSKTVIAVQYLQLQEALKNKLEHHHH
;
_entity_poly.pdbx_strand_id   E,A,B,C
#
# COMPACT_ATOMS: atom_id res chain seq x y z
N GLY A 2 7.56 12.87 0.39
CA GLY A 2 7.26 13.89 -0.59
C GLY A 2 7.86 13.60 -1.95
N LYS A 3 7.83 14.60 -2.83
CA LYS A 3 8.34 14.49 -4.18
C LYS A 3 9.46 15.49 -4.44
N LEU A 4 10.14 15.94 -3.38
CA LEU A 4 11.21 16.92 -3.54
C LEU A 4 12.37 16.31 -4.33
N PHE A 5 12.86 17.07 -5.32
CA PHE A 5 13.98 16.65 -6.16
C PHE A 5 13.67 15.35 -6.92
N GLU A 6 12.41 15.19 -7.33
CA GLU A 6 11.98 13.94 -7.98
C GLU A 6 12.82 13.60 -9.21
N GLU A 7 13.15 12.32 -9.38
CA GLU A 7 14.02 11.84 -10.45
C GLU A 7 13.19 10.88 -11.30
N LYS A 8 12.67 11.36 -12.43
CA LYS A 8 11.81 10.52 -13.26
C LYS A 8 12.61 9.42 -13.95
N THR A 9 12.05 8.22 -13.98
CA THR A 9 12.63 7.11 -14.74
C THR A 9 12.55 7.41 -16.24
N ILE A 10 13.71 7.45 -16.91
CA ILE A 10 13.69 7.56 -18.36
C ILE A 10 13.93 6.22 -19.03
N LYS A 11 14.24 5.17 -18.26
CA LYS A 11 14.57 3.83 -18.79
C LYS A 11 14.96 2.86 -17.67
N THR A 12 14.33 1.69 -17.64
CA THR A 12 14.56 0.63 -16.65
C THR A 12 15.18 -0.58 -17.30
N GLU A 13 16.17 -1.17 -16.64
CA GLU A 13 16.76 -2.41 -17.09
C GLU A 13 16.79 -3.39 -15.92
N GLN A 14 16.16 -4.54 -16.11
CA GLN A 14 16.17 -5.60 -15.11
C GLN A 14 17.50 -6.35 -15.17
N ILE A 15 18.17 -6.47 -14.03
CA ILE A 15 19.43 -7.20 -13.95
C ILE A 15 19.21 -8.65 -13.50
N PHE A 16 18.37 -8.84 -12.49
CA PHE A 16 18.34 -10.09 -11.73
C PHE A 16 16.96 -10.28 -11.11
N SER A 17 16.52 -11.53 -11.02
CA SER A 17 15.24 -11.83 -10.38
C SER A 17 15.38 -13.16 -9.67
N GLY A 18 15.66 -13.11 -8.37
CA GLY A 18 15.88 -14.28 -7.57
C GLY A 18 14.75 -14.55 -6.61
N ARG A 19 15.07 -15.32 -5.58
CA ARG A 19 14.07 -15.71 -4.61
C ARG A 19 13.71 -14.54 -3.68
N VAL A 20 14.70 -13.77 -3.25
CA VAL A 20 14.52 -12.72 -2.24
C VAL A 20 14.60 -11.33 -2.85
N VAL A 21 15.52 -11.11 -3.78
CA VAL A 21 15.78 -9.78 -4.29
C VAL A 21 15.62 -9.77 -5.81
N LYS A 22 15.03 -8.72 -6.33
CA LYS A 22 15.15 -8.35 -7.72
C LYS A 22 16.06 -7.14 -7.79
N LEU A 23 16.86 -7.05 -8.85
CA LEU A 23 17.72 -5.90 -9.05
C LEU A 23 17.42 -5.30 -10.41
N GLN A 24 17.32 -3.98 -10.47
CA GLN A 24 17.15 -3.28 -11.73
C GLN A 24 18.03 -2.03 -11.72
N VAL A 25 18.27 -1.49 -12.91
CA VAL A 25 18.98 -0.22 -13.07
C VAL A 25 18.09 0.73 -13.84
N ASP A 26 17.77 1.87 -13.24
CA ASP A 26 16.98 2.90 -13.89
C ASP A 26 17.89 4.02 -14.37
N ASP A 27 17.64 4.49 -15.59
CA ASP A 27 18.11 5.80 -15.97
C ASP A 27 17.08 6.82 -15.54
N VAL A 28 17.55 7.90 -14.94
CA VAL A 28 16.66 8.89 -14.34
C VAL A 28 17.06 10.29 -14.80
N GLU A 29 16.05 11.15 -14.89
CA GLU A 29 16.27 12.57 -15.10
C GLU A 29 16.35 13.31 -13.75
N LEU A 30 17.49 13.93 -13.47
CA LEU A 30 17.67 14.74 -12.27
C LEU A 30 16.83 16.02 -12.32
N PRO A 31 16.71 16.75 -11.21
CA PRO A 31 15.98 18.03 -11.26
C PRO A 31 16.60 19.06 -12.20
N ASN A 32 17.90 18.97 -12.48
CA ASN A 32 18.58 19.91 -13.37
C ASN A 32 18.65 19.40 -14.81
N GLY A 33 17.84 18.40 -15.17
CA GLY A 33 17.81 17.93 -16.53
C GLY A 33 18.88 16.92 -16.92
N GLN A 34 19.99 16.84 -16.18
CA GLN A 34 21.02 15.83 -16.48
C GLN A 34 20.49 14.42 -16.20
N THR A 35 21.20 13.43 -16.72
CA THR A 35 20.86 12.03 -16.52
C THR A 35 21.76 11.44 -15.43
N SER A 36 21.22 10.44 -14.72
CA SER A 36 21.99 9.65 -13.76
C SER A 36 21.41 8.23 -13.77
N LYS A 37 22.12 7.33 -13.09
CA LYS A 37 21.76 5.92 -13.00
C LYS A 37 21.41 5.56 -11.56
N ARG A 38 20.40 4.70 -11.37
CA ARG A 38 19.92 4.33 -10.03
C ARG A 38 19.80 2.83 -9.91
N GLU A 39 20.53 2.25 -8.96
CA GLU A 39 20.52 0.82 -8.67
C GLU A 39 19.46 0.56 -7.60
N ILE A 40 18.56 -0.38 -7.89
CA ILE A 40 17.34 -0.53 -7.09
C ILE A 40 17.10 -2.01 -6.83
N VAL A 41 17.17 -2.41 -5.56
CA VAL A 41 16.78 -3.76 -5.11
C VAL A 41 15.31 -3.72 -4.72
N ARG A 42 14.53 -4.65 -5.25
CA ARG A 42 13.12 -4.77 -4.94
C ARG A 42 12.94 -5.94 -3.98
N HIS A 43 12.26 -5.69 -2.87
CA HIS A 43 12.16 -6.67 -1.82
C HIS A 43 10.74 -6.61 -1.29
N PRO A 44 10.15 -7.74 -0.88
CA PRO A 44 8.74 -7.72 -0.46
C PRO A 44 8.42 -6.82 0.73
N GLY A 45 9.32 -6.61 1.66
CA GLY A 45 8.66 -5.91 2.77
C GLY A 45 8.13 -6.85 3.83
N ALA A 46 8.16 -6.40 5.09
CA ALA A 46 8.03 -7.31 6.21
C ALA A 46 7.18 -6.72 7.32
N VAL A 47 6.68 -7.60 8.16
CA VAL A 47 6.04 -7.21 9.41
C VAL A 47 6.92 -7.75 10.53
N ALA A 48 7.09 -6.95 11.58
CA ALA A 48 7.91 -7.34 12.73
C ALA A 48 7.13 -7.01 13.99
N VAL A 49 7.36 -7.78 15.06
CA VAL A 49 6.56 -7.73 16.28
C VAL A 49 7.45 -7.47 17.48
N ILE A 50 7.13 -6.42 18.24
CA ILE A 50 7.65 -6.21 19.58
C ILE A 50 6.69 -6.88 20.57
N ALA A 51 7.17 -7.89 21.29
CA ALA A 51 6.35 -8.67 22.21
C ALA A 51 7.01 -8.64 23.60
N ILE A 52 6.30 -8.07 24.57
CA ILE A 52 6.76 -8.00 25.95
C ILE A 52 5.92 -8.97 26.78
N THR A 53 6.57 -9.95 27.39
CA THR A 53 5.87 -10.93 28.20
C THR A 53 5.37 -10.31 29.51
N ASN A 54 4.64 -11.13 30.29
CA ASN A 54 4.19 -10.75 31.63
C ASN A 54 5.35 -10.67 32.62
N GLU A 55 6.48 -11.33 32.34
CA GLU A 55 7.70 -11.09 33.08
C GLU A 55 8.43 -9.83 32.63
N ASN A 56 7.81 -9.03 31.76
CA ASN A 56 8.41 -7.81 31.23
C ASN A 56 9.69 -8.07 30.43
N LYS A 57 9.81 -9.23 29.81
CA LYS A 57 10.92 -9.55 28.92
C LYS A 57 10.50 -9.37 27.47
N ILE A 58 11.45 -8.87 26.65
CA ILE A 58 11.19 -8.76 25.21
C ILE A 58 11.53 -10.09 24.54
N VAL A 59 10.63 -10.53 23.67
CA VAL A 59 10.72 -11.82 22.99
C VAL A 59 11.56 -11.67 21.71
N MET A 60 12.60 -12.48 21.59
CA MET A 60 13.43 -12.42 20.41
C MET A 60 13.81 -13.82 19.98
N VAL A 61 14.31 -13.93 18.76
CA VAL A 61 14.72 -15.18 18.14
C VAL A 61 16.13 -14.99 17.59
N GLU A 62 16.97 -16.00 17.76
CA GLU A 62 18.27 -16.00 17.10
C GLU A 62 18.15 -16.49 15.66
N GLN A 63 18.71 -15.71 14.73
CA GLN A 63 18.64 -15.93 13.29
C GLN A 63 20.03 -15.95 12.70
N TYR A 64 20.32 -16.96 11.88
CA TYR A 64 21.53 -16.92 11.08
C TYR A 64 21.37 -15.97 9.89
N ARG A 65 22.28 -15.02 9.76
CA ARG A 65 22.21 -14.02 8.69
C ARG A 65 23.44 -14.20 7.80
N LYS A 66 23.26 -14.97 6.72
CA LYS A 66 24.37 -15.23 5.79
C LYS A 66 25.09 -13.97 5.33
N PRO A 67 24.41 -12.88 4.94
CA PRO A 67 25.17 -11.66 4.51
C PRO A 67 26.10 -11.13 5.57
N LEU A 68 25.82 -11.40 6.84
CA LEU A 68 26.69 -10.97 7.93
C LEU A 68 27.69 -12.04 8.36
N GLU A 69 27.57 -13.29 7.90
CA GLU A 69 28.38 -14.42 8.43
C GLU A 69 28.18 -14.59 9.93
N LYS A 70 26.95 -14.36 10.41
CA LYS A 70 26.73 -14.26 11.84
C LYS A 70 25.28 -14.61 12.17
N SER A 71 25.09 -15.18 13.35
CA SER A 71 23.78 -15.30 13.98
C SER A 71 23.56 -14.08 14.86
N ILE A 72 22.40 -13.43 14.73
CA ILE A 72 22.09 -12.25 15.52
C ILE A 72 20.73 -12.44 16.19
N VAL A 73 20.45 -11.60 17.18
CA VAL A 73 19.25 -11.73 17.98
C VAL A 73 18.26 -10.65 17.53
N GLU A 74 17.07 -11.06 17.05
CA GLU A 74 16.10 -10.15 16.46
C GLU A 74 14.69 -10.37 17.01
N ILE A 75 13.87 -9.34 16.88
CA ILE A 75 12.43 -9.51 17.12
C ILE A 75 11.83 -10.36 15.99
N PRO A 76 10.79 -11.13 16.27
CA PRO A 76 10.19 -11.96 15.21
C PRO A 76 9.68 -11.12 14.05
N ALA A 77 9.85 -11.65 12.85
CA ALA A 77 9.45 -10.93 11.65
C ALA A 77 9.16 -11.92 10.54
N GLY A 78 8.35 -11.48 9.60
CA GLY A 78 7.99 -12.30 8.45
C GLY A 78 7.64 -11.43 7.27
N LYS A 79 7.67 -12.06 6.10
CA LYS A 79 7.31 -11.41 4.85
C LYS A 79 5.83 -11.04 4.85
N LEU A 80 5.52 -9.87 4.27
CA LEU A 80 4.15 -9.51 3.95
C LEU A 80 3.46 -10.58 3.09
N GLU A 81 2.14 -10.65 3.21
CA GLU A 81 1.34 -11.56 2.39
C GLU A 81 0.34 -10.74 1.60
N LYS A 82 0.39 -10.87 0.28
CA LYS A 82 -0.57 -10.18 -0.58
C LYS A 82 -2.01 -10.50 -0.16
N GLY A 83 -2.80 -9.43 0.06
CA GLY A 83 -4.22 -9.54 0.39
C GLY A 83 -4.53 -9.70 1.86
N GLU A 84 -3.54 -10.05 2.69
CA GLU A 84 -3.72 -10.25 4.12
C GLU A 84 -3.35 -8.96 4.86
N ASP A 85 -4.20 -8.56 5.78
CA ASP A 85 -3.89 -7.45 6.67
C ASP A 85 -2.60 -7.76 7.42
N PRO A 86 -1.58 -6.89 7.34
CA PRO A 86 -0.31 -7.20 8.03
C PRO A 86 -0.47 -7.47 9.52
N ARG A 87 -1.49 -6.88 10.15
CA ARG A 87 -1.80 -7.17 11.55
C ARG A 87 -2.11 -8.65 11.76
N ILE A 88 -2.86 -9.27 10.83
CA ILE A 88 -3.10 -10.72 10.86
C ILE A 88 -1.79 -11.46 10.59
N THR A 89 -0.95 -10.93 9.71
CA THR A 89 0.36 -11.54 9.45
C THR A 89 1.24 -11.47 10.69
N ALA A 90 1.23 -10.32 11.38
CA ALA A 90 1.95 -10.17 12.64
C ALA A 90 1.53 -11.23 13.66
N LEU A 91 0.22 -11.49 13.81
CA LEU A 91 -0.25 -12.46 14.79
C LEU A 91 0.22 -13.87 14.46
N ARG A 92 0.15 -14.24 13.19
CA ARG A 92 0.63 -15.57 12.80
C ARG A 92 2.13 -15.70 13.03
N GLU A 93 2.91 -14.72 12.56
CA GLU A 93 4.36 -14.81 12.68
C GLU A 93 4.79 -14.94 14.13
N LEU A 94 4.19 -14.12 15.02
CA LEU A 94 4.48 -14.24 16.44
C LEU A 94 4.26 -15.67 16.92
N GLU A 95 3.08 -16.22 16.61
CA GLU A 95 2.68 -17.50 17.15
C GLU A 95 3.58 -18.62 16.65
N GLU A 96 3.86 -18.67 15.35
CA GLU A 96 4.69 -19.77 14.86
C GLU A 96 6.17 -19.58 15.18
N GLU A 97 6.64 -18.35 15.33
CA GLU A 97 8.03 -18.16 15.73
C GLU A 97 8.25 -18.35 17.22
N THR A 98 7.28 -17.98 18.06
CA THR A 98 7.51 -17.98 19.49
C THR A 98 6.53 -18.81 20.32
N GLY A 99 5.40 -19.25 19.75
CA GLY A 99 4.38 -19.92 20.50
C GLY A 99 3.48 -19.01 21.29
N TYR A 100 3.69 -17.70 21.23
CA TYR A 100 2.84 -16.78 21.96
C TYR A 100 1.61 -16.41 21.16
N GLU A 101 0.46 -16.48 21.81
CA GLU A 101 -0.68 -15.69 21.36
C GLU A 101 -0.69 -14.39 22.13
N CYS A 102 -1.56 -13.48 21.70
CA CYS A 102 -1.61 -12.18 22.32
C CYS A 102 -3.04 -11.67 22.22
N GLU A 103 -3.37 -10.72 23.09
CA GLU A 103 -4.70 -10.13 23.17
C GLU A 103 -4.80 -8.84 22.40
N GLN A 104 -3.65 -8.23 22.10
CA GLN A 104 -3.59 -6.96 21.38
C GLN A 104 -2.41 -6.99 20.43
N MET A 105 -2.62 -6.51 19.20
CA MET A 105 -1.57 -6.40 18.19
C MET A 105 -1.84 -5.12 17.40
N GLU A 106 -1.18 -4.04 17.81
CA GLU A 106 -1.41 -2.71 17.26
C GLU A 106 -0.17 -2.22 16.53
N TRP A 107 -0.39 -1.52 15.41
CA TRP A 107 0.69 -1.03 14.56
C TRP A 107 1.39 0.12 15.26
N LEU A 108 2.72 0.10 15.26
CA LEU A 108 3.46 1.19 15.86
C LEU A 108 4.07 2.12 14.81
N ILE A 109 4.79 1.59 13.83
CA ILE A 109 5.60 2.44 12.96
C ILE A 109 5.99 1.64 11.72
N SER A 110 6.18 2.33 10.62
CA SER A 110 6.67 1.70 9.40
C SER A 110 7.87 2.50 8.91
N PHE A 111 8.83 1.79 8.32
CA PHE A 111 10.00 2.49 7.82
C PHE A 111 10.69 1.65 6.76
N ALA A 112 11.45 2.34 5.91
CA ALA A 112 12.32 1.71 4.93
C ALA A 112 13.64 1.36 5.61
N THR A 113 14.09 0.12 5.42
CA THR A 113 15.33 -0.32 6.07
C THR A 113 16.56 0.31 5.44
N SER A 114 16.63 0.34 4.10
CA SER A 114 17.85 0.73 3.38
C SER A 114 17.47 1.53 2.17
N PRO A 115 17.04 2.77 2.36
CA PRO A 115 16.40 3.51 1.24
C PRO A 115 17.40 3.94 0.17
N GLY A 116 18.71 3.92 0.47
CA GLY A 116 19.71 4.21 -0.54
C GLY A 116 19.63 3.26 -1.74
N PHE A 117 19.23 2.01 -1.51
CA PHE A 117 19.20 1.06 -2.62
C PHE A 117 18.02 0.09 -2.63
N ALA A 118 17.30 -0.11 -1.53
CA ALA A 118 16.23 -1.10 -1.49
C ALA A 118 14.92 -0.43 -1.13
N ASP A 119 13.82 -1.02 -1.60
CA ASP A 119 12.48 -0.56 -1.28
C ASP A 119 11.84 -1.39 -0.18
N GLU A 120 12.64 -2.09 0.61
CA GLU A 120 12.11 -2.88 1.71
C GLU A 120 11.50 -1.98 2.77
N ILE A 121 10.21 -2.19 3.06
CA ILE A 121 9.50 -1.54 4.15
C ILE A 121 9.24 -2.58 5.24
N ILE A 122 9.52 -2.22 6.52
CA ILE A 122 9.15 -3.02 7.69
C ILE A 122 7.96 -2.37 8.37
N HIS A 123 6.98 -3.18 8.77
CA HIS A 123 5.83 -2.68 9.56
C HIS A 123 5.91 -3.30 10.94
N ILE A 124 6.11 -2.47 11.95
CA ILE A 124 6.32 -2.99 13.29
C ILE A 124 5.02 -2.87 14.06
N TYR A 125 4.65 -3.97 14.72
CA TYR A 125 3.48 -4.08 15.56
C TYR A 125 3.90 -4.46 16.96
N VAL A 126 3.14 -3.99 17.94
CA VAL A 126 3.35 -4.27 19.36
C VAL A 126 2.30 -5.27 19.79
N ALA A 127 2.77 -6.39 20.34
CA ALA A 127 1.90 -7.44 20.87
C ALA A 127 1.87 -7.32 22.39
N LYS A 128 0.67 -7.18 22.95
CA LYS A 128 0.48 -7.06 24.40
C LYS A 128 -0.37 -8.21 24.93
N GLY A 129 -0.18 -8.52 26.22
CA GLY A 129 -0.95 -9.58 26.86
C GLY A 129 -0.68 -10.95 26.24
N LEU A 130 0.52 -11.45 26.41
CA LEU A 130 0.91 -12.70 25.78
C LEU A 130 0.68 -13.87 26.72
N SER A 131 0.66 -15.06 26.14
CA SER A 131 0.41 -16.29 26.87
C SER A 131 0.78 -17.43 25.94
N LYS A 132 1.35 -18.50 26.51
CA LYS A 132 1.90 -19.60 25.72
C LYS A 132 0.86 -20.68 25.51
N LYS A 133 0.82 -21.21 24.29
CA LYS A 133 -0.20 -22.16 23.83
C LYS A 133 -0.03 -23.55 24.45
N GLU A 143 11.79 -25.86 17.24
CA GLU A 143 11.64 -26.40 18.59
C GLU A 143 11.36 -25.27 19.60
N PHE A 144 11.48 -24.03 19.11
CA PHE A 144 11.61 -22.82 19.92
C PHE A 144 12.96 -22.77 20.64
N VAL A 145 14.01 -23.36 20.04
CA VAL A 145 15.34 -23.30 20.64
C VAL A 145 15.97 -21.93 20.39
N ASP A 146 15.73 -21.35 19.22
CA ASP A 146 16.22 -20.01 18.92
C ASP A 146 15.48 -18.94 19.69
N LEU A 147 14.49 -19.32 20.51
CA LEU A 147 13.71 -18.37 21.28
C LEU A 147 14.53 -17.84 22.46
N ILE A 148 14.50 -16.50 22.62
CA ILE A 148 15.34 -15.77 23.56
C ILE A 148 14.49 -14.68 24.18
N GLU A 149 14.36 -14.68 25.51
CA GLU A 149 13.64 -13.63 26.21
C GLU A 149 14.62 -12.88 27.08
N LEU A 150 14.51 -11.56 27.03
CA LEU A 150 15.53 -10.64 27.53
C LEU A 150 14.85 -9.56 28.33
N THR A 151 15.39 -9.29 29.51
CA THR A 151 15.03 -8.07 30.19
C THR A 151 15.61 -6.87 29.45
N LEU A 152 15.09 -5.69 29.76
CA LEU A 152 15.70 -4.48 29.24
C LEU A 152 17.22 -4.48 29.43
N ASP A 153 17.73 -4.92 30.59
CA ASP A 153 19.16 -4.73 30.85
C ASP A 153 20.00 -5.74 30.08
N GLU A 154 19.54 -6.98 29.96
CA GLU A 154 20.18 -7.91 29.04
C GLU A 154 20.10 -7.43 27.59
N ALA A 155 19.02 -6.77 27.17
CA ALA A 155 18.97 -6.29 25.81
C ALA A 155 20.03 -5.22 25.57
N LEU A 156 20.16 -4.29 26.52
CA LEU A 156 21.19 -3.26 26.44
C LEU A 156 22.59 -3.86 26.44
N GLN A 157 22.76 -5.00 27.13
CA GLN A 157 24.02 -5.72 27.08
C GLN A 157 24.18 -6.47 25.77
N TYR A 158 23.08 -6.92 25.18
CA TYR A 158 23.19 -7.55 23.87
C TYR A 158 23.59 -6.53 22.80
N ILE A 159 23.13 -5.30 22.92
CA ILE A 159 23.60 -4.24 22.03
C ILE A 159 25.08 -3.98 22.25
N LYS A 160 25.55 -4.05 23.50
CA LYS A 160 26.96 -3.80 23.76
C LYS A 160 27.83 -4.89 23.14
N GLU A 161 27.36 -6.13 23.12
CA GLU A 161 28.11 -7.21 22.50
C GLU A 161 27.81 -7.35 21.01
N GLN A 162 26.93 -6.50 20.49
CA GLN A 162 26.45 -6.57 19.11
C GLN A 162 25.81 -7.92 18.79
N ARG A 163 25.26 -8.61 19.80
CA ARG A 163 24.35 -9.72 19.50
C ARG A 163 23.02 -9.21 18.95
N ILE A 164 22.58 -8.04 19.39
CA ILE A 164 21.47 -7.34 18.75
C ILE A 164 22.13 -6.34 17.79
N TYR A 165 21.79 -6.42 16.50
CA TYR A 165 22.64 -5.78 15.49
C TYR A 165 21.90 -5.49 14.18
N ASP A 166 20.58 -5.41 14.17
CA ASP A 166 19.90 -4.89 13.01
C ASP A 166 18.92 -3.84 13.48
N SER A 167 18.41 -3.07 12.52
CA SER A 167 17.79 -1.81 12.91
C SER A 167 16.40 -2.01 13.50
N LYS A 168 15.64 -3.01 13.04
CA LYS A 168 14.31 -3.22 13.61
C LYS A 168 14.40 -3.61 15.07
N THR A 169 15.40 -4.44 15.42
CA THR A 169 15.57 -4.87 16.80
C THR A 169 16.05 -3.72 17.68
N VAL A 170 16.97 -2.88 17.18
CA VAL A 170 17.38 -1.72 17.95
C VAL A 170 16.20 -0.79 18.20
N ILE A 171 15.38 -0.57 17.17
CA ILE A 171 14.15 0.21 17.33
C ILE A 171 13.28 -0.37 18.42
N ALA A 172 13.28 -1.70 18.58
CA ALA A 172 12.47 -2.35 19.61
C ALA A 172 13.07 -2.18 21.01
N VAL A 173 14.39 -2.36 21.15
CA VAL A 173 15.00 -2.10 22.46
C VAL A 173 14.76 -0.66 22.85
N GLN A 174 14.84 0.26 21.89
CA GLN A 174 14.61 1.64 22.26
C GLN A 174 13.16 1.89 22.64
N TYR A 175 12.24 1.09 22.11
CA TYR A 175 10.83 1.21 22.50
C TYR A 175 10.63 0.71 23.93
N LEU A 176 11.23 -0.42 24.26
CA LEU A 176 11.27 -0.88 25.65
C LEU A 176 11.90 0.18 26.56
N GLN A 177 13.04 0.75 26.16
CA GLN A 177 13.64 1.80 26.99
C GLN A 177 12.69 2.95 27.23
N LEU A 178 11.97 3.39 26.18
CA LEU A 178 11.05 4.51 26.36
C LEU A 178 9.88 4.15 27.27
N GLN A 179 9.41 2.89 27.24
CA GLN A 179 8.42 2.43 28.20
C GLN A 179 8.92 2.60 29.64
N GLU A 180 10.15 2.19 29.89
CA GLU A 180 10.68 2.25 31.26
C GLU A 180 10.86 3.69 31.72
N ALA A 181 11.35 4.57 30.85
CA ALA A 181 11.55 5.96 31.23
C ALA A 181 10.25 6.77 31.19
N LEU A 182 9.10 6.12 31.07
CA LEU A 182 7.81 6.81 31.09
C LEU A 182 6.89 6.16 32.12
N LYS A 183 7.10 4.86 32.38
CA LYS A 183 6.48 4.24 33.55
C LYS A 183 7.02 4.89 34.82
N ASN A 184 8.32 5.22 34.82
CA ASN A 184 9.03 5.91 35.89
C ASN A 184 8.54 7.34 36.12
N LYS A 185 7.69 7.87 35.24
CA LYS A 185 7.06 9.16 35.49
C LYS A 185 5.69 9.04 36.15
N LEU A 186 5.09 7.83 36.20
CA LEU A 186 3.74 7.67 36.73
C LEU A 186 3.64 6.77 37.96
N GLU A 187 4.59 5.87 38.18
CA GLU A 187 4.52 4.91 39.28
C GLU A 187 5.30 5.37 40.52
N LEU B 4 29.58 -22.91 16.29
CA LEU B 4 28.88 -21.77 15.67
C LEU B 4 28.32 -22.16 14.30
N PHE B 5 27.01 -21.94 14.15
CA PHE B 5 26.31 -22.34 12.94
C PHE B 5 26.80 -21.55 11.74
N GLU B 6 26.95 -22.25 10.61
CA GLU B 6 27.41 -21.63 9.38
C GLU B 6 26.74 -22.30 8.19
N GLU B 7 26.48 -21.51 7.15
CA GLU B 7 26.16 -22.00 5.82
C GLU B 7 27.38 -21.68 4.97
N LYS B 8 28.34 -22.62 4.92
CA LYS B 8 29.58 -22.39 4.19
C LYS B 8 29.31 -22.18 2.71
N THR B 9 29.94 -21.17 2.15
CA THR B 9 29.86 -20.92 0.72
C THR B 9 30.71 -21.95 0.00
N ILE B 10 30.12 -22.73 -0.91
CA ILE B 10 30.89 -23.63 -1.74
C ILE B 10 31.01 -23.14 -3.19
N LYS B 11 30.11 -22.26 -3.64
CA LYS B 11 30.22 -21.55 -4.91
C LYS B 11 29.77 -20.09 -4.72
N THR B 12 30.28 -19.20 -5.56
CA THR B 12 29.87 -17.79 -5.57
C THR B 12 29.80 -17.29 -7.01
N GLU B 13 28.69 -16.64 -7.34
CA GLU B 13 28.48 -16.07 -8.67
C GLU B 13 28.33 -14.56 -8.49
N GLN B 14 29.22 -13.80 -9.12
CA GLN B 14 29.16 -12.34 -9.09
C GLN B 14 28.20 -11.88 -10.17
N ILE B 15 27.06 -11.36 -9.76
CA ILE B 15 25.97 -11.03 -10.68
C ILE B 15 26.04 -9.58 -11.14
N PHE B 16 26.45 -8.67 -10.27
CA PHE B 16 26.40 -7.25 -10.61
C PHE B 16 27.37 -6.52 -9.70
N SER B 17 28.10 -5.55 -10.27
CA SER B 17 29.06 -4.79 -9.50
C SER B 17 28.93 -3.31 -9.90
N GLY B 18 27.93 -2.64 -9.32
CA GLY B 18 27.62 -1.26 -9.65
C GLY B 18 28.33 -0.24 -8.78
N ARG B 19 27.85 1.01 -8.89
CA ARG B 19 28.47 2.14 -8.21
C ARG B 19 28.10 2.19 -6.73
N VAL B 20 26.96 1.62 -6.34
CA VAL B 20 26.45 1.66 -4.98
C VAL B 20 26.46 0.29 -4.33
N VAL B 21 25.96 -0.73 -5.04
CA VAL B 21 25.84 -2.06 -4.50
C VAL B 21 26.46 -3.07 -5.45
N LYS B 22 26.95 -4.16 -4.87
CA LYS B 22 27.24 -5.37 -5.60
C LYS B 22 26.22 -6.44 -5.23
N LEU B 23 25.93 -7.32 -6.16
CA LEU B 23 25.04 -8.45 -5.93
C LEU B 23 25.81 -9.72 -6.22
N GLN B 24 25.82 -10.64 -5.27
CA GLN B 24 26.43 -11.94 -5.50
C GLN B 24 25.47 -13.02 -5.04
N VAL B 25 25.54 -14.18 -5.67
CA VAL B 25 24.73 -15.32 -5.26
C VAL B 25 25.66 -16.40 -4.74
N ASP B 26 25.52 -16.71 -3.46
CA ASP B 26 26.34 -17.73 -2.83
C ASP B 26 25.56 -19.04 -2.81
N ASP B 27 26.25 -20.12 -3.14
CA ASP B 27 25.73 -21.47 -3.05
C ASP B 27 26.27 -22.06 -1.75
N VAL B 28 25.37 -22.45 -0.84
CA VAL B 28 25.78 -22.82 0.52
C VAL B 28 25.31 -24.24 0.83
N GLU B 29 26.16 -24.96 1.56
CA GLU B 29 25.77 -26.25 2.16
C GLU B 29 24.72 -26.05 3.23
N LEU B 30 23.82 -27.01 3.34
CA LEU B 30 22.88 -27.08 4.43
C LEU B 30 23.23 -28.26 5.34
N PRO B 31 22.80 -28.22 6.61
CA PRO B 31 22.98 -29.41 7.46
C PRO B 31 22.50 -30.67 6.76
N ASN B 32 21.48 -30.52 5.94
CA ASN B 32 21.04 -31.48 4.93
C ASN B 32 22.14 -32.24 4.21
N GLY B 33 23.19 -31.55 3.80
CA GLY B 33 23.99 -32.02 2.70
C GLY B 33 23.54 -31.49 1.36
N GLN B 34 22.35 -30.90 1.28
CA GLN B 34 21.89 -30.22 0.07
C GLN B 34 22.46 -28.80 0.02
N THR B 35 22.25 -28.15 -1.13
CA THR B 35 22.75 -26.80 -1.32
C THR B 35 21.58 -25.84 -1.52
N SER B 36 21.87 -24.56 -1.26
CA SER B 36 20.87 -23.51 -1.34
C SER B 36 21.56 -22.22 -1.77
N LYS B 37 20.84 -21.43 -2.55
CA LYS B 37 21.30 -20.13 -3.03
C LYS B 37 21.04 -19.06 -1.98
N ARG B 38 22.04 -18.19 -1.76
CA ARG B 38 21.92 -17.03 -0.86
C ARG B 38 22.20 -15.77 -1.67
N GLU B 39 21.18 -14.95 -1.87
CA GLU B 39 21.32 -13.67 -2.55
C GLU B 39 21.84 -12.63 -1.55
N ILE B 40 22.99 -12.04 -1.86
CA ILE B 40 23.72 -11.18 -0.94
C ILE B 40 24.06 -9.88 -1.65
N VAL B 41 23.43 -8.79 -1.21
CA VAL B 41 23.86 -7.45 -1.60
C VAL B 41 25.00 -7.02 -0.68
N ARG B 42 26.13 -6.65 -1.29
CA ARG B 42 27.28 -6.13 -0.55
C ARG B 42 27.35 -4.62 -0.72
N HIS B 43 27.67 -3.93 0.36
CA HIS B 43 27.52 -2.49 0.45
C HIS B 43 28.66 -2.01 1.34
N PRO B 44 29.24 -0.86 1.02
CA PRO B 44 30.45 -0.44 1.76
C PRO B 44 30.20 -0.16 3.24
N GLY B 45 28.99 0.21 3.61
CA GLY B 45 28.84 0.69 4.96
C GLY B 45 28.72 2.20 4.99
N ALA B 46 28.12 2.68 6.08
CA ALA B 46 27.77 4.09 6.17
C ALA B 46 28.01 4.59 7.59
N VAL B 47 28.39 5.85 7.65
CA VAL B 47 28.45 6.60 8.89
C VAL B 47 27.27 7.55 8.87
N ALA B 48 26.53 7.64 9.99
CA ALA B 48 25.42 8.59 10.07
C ALA B 48 25.58 9.40 11.36
N VAL B 49 25.11 10.65 11.35
CA VAL B 49 25.44 11.62 12.39
C VAL B 49 24.16 12.15 13.04
N ILE B 50 24.06 12.01 14.36
CA ILE B 50 23.05 12.66 15.18
C ILE B 50 23.66 13.97 15.68
N ALA B 51 23.24 15.09 15.08
CA ALA B 51 23.84 16.39 15.31
C ALA B 51 22.78 17.30 15.89
N ILE B 52 22.88 17.62 17.16
CA ILE B 52 21.90 18.47 17.83
C ILE B 52 22.55 19.84 18.04
N THR B 53 21.89 20.87 17.54
CA THR B 53 22.43 22.21 17.71
C THR B 53 22.40 22.60 19.19
N ASN B 54 23.12 23.69 19.49
CA ASN B 54 22.98 24.33 20.80
C ASN B 54 21.56 24.80 21.07
N GLU B 55 20.68 24.79 20.06
CA GLU B 55 19.28 25.20 20.18
C GLU B 55 18.33 24.03 20.40
N ASN B 56 18.84 22.83 20.68
CA ASN B 56 18.07 21.59 20.81
C ASN B 56 17.42 21.13 19.50
N LYS B 57 17.78 21.74 18.36
CA LYS B 57 17.27 21.34 17.05
C LYS B 57 18.15 20.25 16.44
N ILE B 58 17.56 19.10 16.03
CA ILE B 58 18.34 18.08 15.35
C ILE B 58 18.45 18.43 13.87
N VAL B 59 19.64 18.23 13.30
CA VAL B 59 19.91 18.57 11.91
C VAL B 59 19.63 17.37 11.02
N MET B 60 18.92 17.61 9.92
CA MET B 60 18.45 16.56 9.03
C MET B 60 18.52 17.07 7.60
N VAL B 61 18.38 16.14 6.65
CA VAL B 61 18.36 16.48 5.23
C VAL B 61 17.21 15.76 4.55
N GLU B 62 16.63 16.41 3.57
CA GLU B 62 15.62 15.79 2.74
C GLU B 62 16.23 15.53 1.37
N GLN B 63 16.03 14.33 0.85
CA GLN B 63 16.50 14.00 -0.49
C GLN B 63 15.63 12.92 -1.09
N TYR B 64 15.66 12.85 -2.43
CA TYR B 64 14.93 11.82 -3.17
C TYR B 64 15.62 10.47 -3.03
N ARG B 65 14.86 9.46 -2.61
CA ARG B 65 15.36 8.09 -2.51
C ARG B 65 14.66 7.31 -3.61
N LYS B 66 15.37 7.14 -4.73
CA LYS B 66 14.77 6.54 -5.92
C LYS B 66 14.13 5.17 -5.66
N PRO B 67 14.70 4.25 -4.85
CA PRO B 67 13.98 2.98 -4.59
C PRO B 67 12.63 3.17 -3.94
N LEU B 68 12.43 4.26 -3.20
CA LEU B 68 11.14 4.52 -2.56
C LEU B 68 10.23 5.43 -3.39
N GLU B 69 10.75 6.04 -4.47
CA GLU B 69 10.03 7.06 -5.27
C GLU B 69 9.49 8.18 -4.41
N LYS B 70 10.20 8.51 -3.32
CA LYS B 70 9.80 9.66 -2.51
C LYS B 70 11.03 10.28 -1.87
N SER B 71 10.90 11.55 -1.52
CA SER B 71 11.89 12.20 -0.71
C SER B 71 11.51 11.97 0.74
N ILE B 72 12.54 11.80 1.58
CA ILE B 72 12.36 11.55 3.00
C ILE B 72 13.36 12.40 3.76
N VAL B 73 13.12 12.52 5.06
CA VAL B 73 13.91 13.37 5.94
C VAL B 73 14.78 12.46 6.81
N GLU B 74 16.11 12.61 6.68
CA GLU B 74 17.08 11.68 7.24
C GLU B 74 18.14 12.47 8.01
N ILE B 75 18.78 11.79 8.96
CA ILE B 75 19.99 12.33 9.56
C ILE B 75 21.09 12.33 8.50
N PRO B 76 22.10 13.17 8.62
CA PRO B 76 23.20 13.17 7.64
C PRO B 76 23.98 11.85 7.69
N ALA B 77 24.31 11.33 6.51
CA ALA B 77 25.06 10.09 6.39
C ALA B 77 25.82 10.06 5.09
N GLY B 78 26.89 9.25 5.06
CA GLY B 78 27.68 9.06 3.87
C GLY B 78 28.45 7.75 3.98
N LYS B 79 29.05 7.34 2.88
CA LYS B 79 29.67 6.02 2.85
C LYS B 79 31.02 6.01 3.57
N LEU B 80 31.30 4.88 4.21
CA LEU B 80 32.62 4.57 4.74
C LEU B 80 33.64 4.51 3.62
N GLU B 81 34.80 5.11 3.84
CA GLU B 81 35.87 5.06 2.85
C GLU B 81 36.93 4.04 3.28
N LYS B 82 37.53 3.38 2.29
CA LYS B 82 38.51 2.34 2.57
C LYS B 82 39.76 2.95 3.17
N GLY B 83 40.14 2.47 4.36
CA GLY B 83 41.34 2.98 5.00
C GLY B 83 41.22 4.41 5.48
N GLU B 84 40.07 4.77 6.03
CA GLU B 84 39.85 6.05 6.67
C GLU B 84 39.19 5.79 8.01
N ASP B 85 39.43 6.69 8.95
CA ASP B 85 38.78 6.58 10.24
C ASP B 85 37.30 6.93 10.09
N PRO B 86 36.36 6.06 10.48
CA PRO B 86 34.96 6.39 10.33
C PRO B 86 34.58 7.68 11.05
N ARG B 87 35.28 8.03 12.12
CA ARG B 87 35.02 9.29 12.81
C ARG B 87 35.43 10.49 11.97
N ILE B 88 36.53 10.38 11.23
CA ILE B 88 36.82 11.42 10.24
C ILE B 88 35.70 11.48 9.21
N THR B 89 35.23 10.33 8.74
CA THR B 89 34.15 10.30 7.76
C THR B 89 32.90 11.02 8.28
N ALA B 90 32.53 10.78 9.53
CA ALA B 90 31.37 11.47 10.10
C ALA B 90 31.61 12.98 10.14
N LEU B 91 32.82 13.41 10.53
CA LEU B 91 33.11 14.84 10.59
C LEU B 91 33.00 15.46 9.21
N ARG B 92 33.62 14.83 8.20
CA ARG B 92 33.55 15.37 6.85
C ARG B 92 32.11 15.38 6.33
N GLU B 93 31.34 14.32 6.63
CA GLU B 93 29.98 14.26 6.12
C GLU B 93 29.09 15.29 6.80
N LEU B 94 29.24 15.49 8.12
CA LEU B 94 28.55 16.59 8.79
C LEU B 94 28.82 17.93 8.09
N GLU B 95 30.10 18.24 7.85
CA GLU B 95 30.46 19.54 7.28
C GLU B 95 30.05 19.64 5.81
N GLU B 96 30.27 18.59 5.02
CA GLU B 96 29.94 18.66 3.61
C GLU B 96 28.43 18.77 3.40
N GLU B 97 27.66 18.02 4.18
CA GLU B 97 26.24 17.91 3.91
C GLU B 97 25.44 19.05 4.55
N THR B 98 25.92 19.57 5.69
CA THR B 98 25.17 20.53 6.48
C THR B 98 25.97 21.76 6.89
N GLY B 99 27.22 21.89 6.43
CA GLY B 99 28.04 23.05 6.76
C GLY B 99 28.30 23.26 8.23
N TYR B 100 28.18 22.22 9.05
CA TYR B 100 28.48 22.34 10.47
C TYR B 100 29.83 21.74 10.80
N GLU B 101 30.47 22.33 11.79
CA GLU B 101 31.58 21.74 12.52
C GLU B 101 31.10 21.37 13.92
N CYS B 102 31.81 20.47 14.56
CA CYS B 102 31.45 20.11 15.93
C CYS B 102 32.72 19.92 16.75
N GLU B 103 32.53 19.78 18.06
CA GLU B 103 33.63 19.55 18.98
C GLU B 103 33.84 18.06 19.22
N GLN B 104 32.79 17.36 19.65
CA GLN B 104 32.83 15.91 19.85
C GLN B 104 32.15 15.20 18.69
N MET B 105 32.67 14.01 18.35
CA MET B 105 32.02 13.07 17.43
C MET B 105 32.25 11.67 18.00
N GLU B 106 31.24 11.12 18.66
CA GLU B 106 31.42 9.95 19.49
C GLU B 106 30.54 8.81 18.98
N TRP B 107 31.14 7.62 18.81
CA TRP B 107 30.38 6.49 18.27
C TRP B 107 29.30 6.07 19.24
N LEU B 108 28.09 5.89 18.72
CA LEU B 108 26.95 5.49 19.55
C LEU B 108 26.66 4.00 19.40
N ILE B 109 26.43 3.54 18.18
CA ILE B 109 25.95 2.17 17.93
C ILE B 109 26.12 1.86 16.46
N SER B 110 26.22 0.57 16.12
CA SER B 110 26.33 0.11 14.75
C SER B 110 25.31 -0.99 14.55
N PHE B 111 24.78 -1.10 13.32
CA PHE B 111 23.77 -2.12 13.08
C PHE B 111 23.63 -2.35 11.58
N ALA B 112 23.29 -3.61 11.23
CA ALA B 112 22.88 -3.97 9.87
C ALA B 112 21.49 -3.43 9.58
N THR B 113 21.27 -2.95 8.35
CA THR B 113 19.93 -2.38 8.10
C THR B 113 18.92 -3.43 7.61
N SER B 114 19.35 -4.35 6.77
CA SER B 114 18.48 -5.47 6.35
C SER B 114 19.34 -6.69 6.15
N PRO B 115 19.67 -7.40 7.23
CA PRO B 115 20.67 -8.46 7.14
C PRO B 115 20.14 -9.72 6.51
N GLY B 116 18.85 -9.77 6.13
CA GLY B 116 18.34 -10.88 5.37
C GLY B 116 18.93 -11.00 3.97
N PHE B 117 19.41 -9.88 3.40
CA PHE B 117 19.92 -9.96 2.05
C PHE B 117 21.11 -9.02 1.82
N ALA B 118 21.39 -8.13 2.78
CA ALA B 118 22.40 -7.09 2.62
C ALA B 118 23.34 -7.10 3.81
N ASP B 119 24.60 -6.76 3.55
CA ASP B 119 25.57 -6.64 4.62
C ASP B 119 25.83 -5.17 4.98
N GLU B 120 25.02 -4.24 4.48
CA GLU B 120 25.15 -2.85 4.86
C GLU B 120 25.14 -2.69 6.37
N ILE B 121 26.14 -2.00 6.89
CA ILE B 121 26.21 -1.62 8.29
C ILE B 121 26.21 -0.09 8.35
N ILE B 122 25.39 0.45 9.25
CA ILE B 122 25.38 1.86 9.59
C ILE B 122 26.03 2.03 10.96
N HIS B 123 26.93 3.01 11.07
CA HIS B 123 27.59 3.40 12.32
C HIS B 123 27.12 4.79 12.68
N ILE B 124 26.42 4.91 13.79
CA ILE B 124 25.86 6.20 14.17
C ILE B 124 26.83 6.90 15.10
N TYR B 125 27.11 8.16 14.82
CA TYR B 125 27.94 9.02 15.66
C TYR B 125 27.10 10.19 16.15
N VAL B 126 27.27 10.54 17.43
CA VAL B 126 26.64 11.74 17.97
C VAL B 126 27.63 12.89 17.92
N ALA B 127 27.21 14.02 17.36
CA ALA B 127 28.02 15.22 17.29
C ALA B 127 27.51 16.24 18.31
N LYS B 128 28.39 16.66 19.20
CA LYS B 128 28.10 17.70 20.18
C LYS B 128 29.00 18.91 19.92
N GLY B 129 28.47 20.10 20.20
CA GLY B 129 29.24 21.32 20.06
C GLY B 129 29.27 21.90 18.67
N LEU B 130 28.09 22.10 18.09
CA LEU B 130 27.99 22.47 16.68
C LEU B 130 28.15 23.97 16.46
N SER B 131 28.84 24.31 15.37
CA SER B 131 28.92 25.69 14.90
C SER B 131 29.04 25.68 13.37
N LYS B 132 28.60 26.77 12.75
CA LYS B 132 28.52 26.84 11.30
C LYS B 132 29.87 27.20 10.67
N LYS B 133 30.41 26.29 9.87
CA LYS B 133 31.49 26.64 8.98
C LYS B 133 31.00 27.69 7.99
N GLU B 134 31.82 28.72 7.77
CA GLU B 134 31.61 29.70 6.71
C GLU B 134 32.59 29.39 5.58
N ASN B 135 32.13 29.57 4.34
CA ASN B 135 32.87 29.17 3.13
C ASN B 135 33.06 27.66 3.11
N ASP B 140 28.23 18.91 -5.15
CA ASP B 140 28.15 18.61 -6.57
C ASP B 140 26.89 19.20 -7.21
N GLU B 141 26.96 19.51 -8.50
CA GLU B 141 25.75 19.90 -9.23
C GLU B 141 24.74 18.77 -9.33
N ASP B 142 25.17 17.53 -9.16
CA ASP B 142 24.31 16.35 -9.27
C ASP B 142 23.75 15.89 -7.93
N GLU B 143 24.09 16.58 -6.84
CA GLU B 143 23.58 16.24 -5.51
C GLU B 143 22.47 17.21 -5.12
N PHE B 144 21.33 16.66 -4.70
CA PHE B 144 20.15 17.47 -4.37
C PHE B 144 19.71 17.12 -2.94
N VAL B 145 20.19 17.90 -1.98
CA VAL B 145 19.79 17.74 -0.59
C VAL B 145 19.22 19.05 -0.10
N ASP B 146 18.38 18.95 0.92
CA ASP B 146 17.67 20.09 1.48
C ASP B 146 17.89 20.10 2.99
N LEU B 147 18.56 21.14 3.48
CA LEU B 147 18.99 21.17 4.88
C LEU B 147 17.84 21.59 5.79
N ILE B 148 17.63 20.84 6.87
CA ILE B 148 16.46 20.97 7.74
C ILE B 148 16.91 20.83 9.17
N GLU B 149 16.32 21.62 10.08
CA GLU B 149 16.60 21.54 11.51
C GLU B 149 15.28 21.49 12.27
N LEU B 150 15.12 20.50 13.13
CA LEU B 150 13.84 20.23 13.77
C LEU B 150 13.99 20.13 15.27
N THR B 151 12.98 20.63 15.97
CA THR B 151 12.81 20.28 17.37
C THR B 151 12.39 18.82 17.47
N LEU B 152 12.71 18.18 18.60
CA LEU B 152 12.26 16.82 18.84
C LEU B 152 10.78 16.66 18.53
N ASP B 153 9.97 17.62 18.96
CA ASP B 153 8.53 17.52 18.74
C ASP B 153 8.18 17.57 17.26
N GLU B 154 8.88 18.40 16.49
CA GLU B 154 8.71 18.40 15.04
C GLU B 154 9.17 17.09 14.41
N ALA B 155 10.33 16.57 14.83
CA ALA B 155 10.77 15.27 14.35
C ALA B 155 9.72 14.19 14.63
N LEU B 156 9.20 14.18 15.86
CA LEU B 156 8.14 13.24 16.21
C LEU B 156 6.93 13.42 15.30
N GLN B 157 6.55 14.67 15.02
CA GLN B 157 5.45 14.91 14.08
C GLN B 157 5.82 14.49 12.67
N TYR B 158 7.10 14.62 12.28
CA TYR B 158 7.51 14.12 10.96
C TYR B 158 7.43 12.60 10.89
N ILE B 159 7.66 11.90 12.01
CA ILE B 159 7.45 10.45 12.02
C ILE B 159 5.97 10.15 11.78
N LYS B 160 5.09 10.80 12.53
CA LYS B 160 3.65 10.61 12.35
C LYS B 160 3.25 10.84 10.89
N GLU B 161 3.85 11.82 10.22
CA GLU B 161 3.52 12.08 8.83
C GLU B 161 4.26 11.18 7.86
N GLN B 162 5.17 10.34 8.36
CA GLN B 162 6.02 9.50 7.53
C GLN B 162 6.91 10.30 6.60
N ARG B 163 7.21 11.54 6.95
CA ARG B 163 8.33 12.22 6.30
C ARG B 163 9.66 11.62 6.74
N ILE B 164 9.76 11.24 8.01
CA ILE B 164 10.87 10.43 8.53
C ILE B 164 10.46 8.97 8.44
N TYR B 165 11.23 8.19 7.68
CA TYR B 165 10.74 6.93 7.16
C TYR B 165 11.88 5.94 6.89
N ASP B 166 12.97 6.02 7.66
CA ASP B 166 14.03 5.03 7.47
C ASP B 166 14.67 4.71 8.81
N SER B 167 15.35 3.57 8.86
CA SER B 167 15.65 3.00 10.16
C SER B 167 16.67 3.85 10.94
N LYS B 168 17.70 4.35 10.27
CA LYS B 168 18.69 5.12 11.01
C LYS B 168 18.07 6.38 11.60
N THR B 169 17.11 6.97 10.92
CA THR B 169 16.59 8.24 11.42
C THR B 169 15.54 8.01 12.50
N VAL B 170 14.73 6.96 12.39
CA VAL B 170 13.87 6.57 13.49
C VAL B 170 14.68 6.30 14.76
N ILE B 171 15.78 5.54 14.62
CA ILE B 171 16.64 5.25 15.78
C ILE B 171 17.14 6.54 16.40
N ALA B 172 17.63 7.45 15.55
CA ALA B 172 18.11 8.75 15.99
C ALA B 172 17.04 9.51 16.77
N VAL B 173 15.84 9.60 16.21
CA VAL B 173 14.78 10.35 16.86
C VAL B 173 14.46 9.74 18.22
N GLN B 174 14.36 8.40 18.27
CA GLN B 174 14.08 7.72 19.53
C GLN B 174 15.18 7.96 20.56
N TYR B 175 16.43 8.06 20.11
CA TYR B 175 17.52 8.34 21.02
C TYR B 175 17.35 9.70 21.69
N LEU B 176 17.03 10.73 20.89
CA LEU B 176 16.77 12.07 21.41
C LEU B 176 15.61 12.07 22.39
N GLN B 177 14.52 11.37 22.05
CA GLN B 177 13.42 11.17 22.99
C GLN B 177 13.92 10.65 24.32
N LEU B 178 14.75 9.60 24.28
CA LEU B 178 15.29 9.01 25.51
C LEU B 178 16.17 10.00 26.25
N GLN B 179 17.07 10.68 25.53
CA GLN B 179 17.94 11.64 26.20
C GLN B 179 17.14 12.73 26.90
N GLU B 180 16.02 13.12 26.30
CA GLU B 180 15.16 14.13 26.92
C GLU B 180 14.39 13.57 28.10
N ALA B 181 13.89 12.34 27.99
CA ALA B 181 13.14 11.74 29.09
C ALA B 181 14.02 11.55 30.32
N LEU B 182 15.27 11.14 30.12
CA LEU B 182 16.23 11.05 31.21
C LEU B 182 16.74 12.42 31.64
N LYS B 183 16.60 13.45 30.77
CA LYS B 183 16.81 14.83 31.19
C LYS B 183 15.63 15.35 32.03
N ASN B 184 14.45 14.73 31.90
CA ASN B 184 13.30 15.00 32.76
C ASN B 184 13.16 13.97 33.88
N LYS B 185 14.12 13.06 34.01
CA LYS B 185 14.24 12.23 35.20
C LYS B 185 15.16 12.85 36.25
N LEU B 186 15.72 14.04 35.97
CA LEU B 186 16.54 14.78 36.93
C LEU B 186 15.97 16.15 37.28
N GLU B 187 14.84 16.54 36.69
CA GLU B 187 14.21 17.82 37.01
C GLU B 187 13.05 17.62 38.00
N GLY C 2 -10.21 -10.68 4.07
CA GLY C 2 -10.31 -12.06 4.52
C GLY C 2 -9.49 -13.00 3.64
N LYS C 3 -9.28 -14.23 4.09
CA LYS C 3 -8.55 -15.23 3.30
C LYS C 3 -9.37 -16.51 3.13
N LEU C 4 -10.68 -16.40 3.33
CA LEU C 4 -11.60 -17.53 3.25
C LEU C 4 -11.66 -18.10 1.83
N PHE C 5 -11.72 -19.43 1.74
CA PHE C 5 -11.77 -20.18 0.48
C PHE C 5 -10.53 -19.93 -0.38
N GLU C 6 -9.38 -19.71 0.27
CA GLU C 6 -8.19 -19.26 -0.42
C GLU C 6 -7.81 -20.23 -1.56
N GLU C 7 -7.30 -19.67 -2.65
CA GLU C 7 -6.98 -20.42 -3.85
C GLU C 7 -5.52 -20.15 -4.18
N LYS C 8 -4.63 -21.06 -3.77
CA LYS C 8 -3.20 -20.84 -3.99
C LYS C 8 -2.84 -21.02 -5.46
N THR C 9 -1.94 -20.16 -5.95
CA THR C 9 -1.43 -20.29 -7.31
C THR C 9 -0.37 -21.38 -7.37
N ILE C 10 -0.55 -22.34 -8.27
CA ILE C 10 0.48 -23.33 -8.56
C ILE C 10 1.21 -23.01 -9.86
N LYS C 11 0.49 -22.55 -10.89
CA LYS C 11 1.10 -22.17 -12.16
C LYS C 11 0.56 -20.82 -12.61
N THR C 12 1.45 -19.99 -13.15
CA THR C 12 1.11 -18.70 -13.74
C THR C 12 1.62 -18.66 -15.16
N GLU C 13 0.84 -18.05 -16.05
CA GLU C 13 1.22 -17.88 -17.44
C GLU C 13 0.82 -16.46 -17.87
N GLN C 14 1.77 -15.72 -18.45
CA GLN C 14 1.54 -14.35 -18.88
C GLN C 14 1.00 -14.34 -20.30
N ILE C 15 -0.07 -13.59 -20.51
CA ILE C 15 -0.80 -13.60 -21.78
C ILE C 15 -0.51 -12.31 -22.55
N PHE C 16 -0.26 -11.23 -21.83
CA PHE C 16 -0.23 -9.92 -22.46
C PHE C 16 0.27 -8.89 -21.46
N SER C 17 1.01 -7.92 -21.95
CA SER C 17 1.43 -6.77 -21.14
C SER C 17 1.41 -5.57 -22.06
N GLY C 18 0.52 -4.60 -21.79
CA GLY C 18 0.40 -3.46 -22.65
C GLY C 18 0.54 -2.13 -21.98
N ARG C 19 0.01 -1.09 -22.62
CA ARG C 19 0.08 0.26 -22.07
C ARG C 19 -0.71 0.40 -20.78
N VAL C 20 -1.86 -0.26 -20.66
CA VAL C 20 -2.80 0.03 -19.58
C VAL C 20 -3.08 -1.22 -18.75
N VAL C 21 -3.07 -2.39 -19.37
CA VAL C 21 -3.47 -3.63 -18.70
C VAL C 21 -2.45 -4.71 -18.96
N LYS C 22 -2.19 -5.52 -17.92
CA LYS C 22 -1.49 -6.79 -18.03
C LYS C 22 -2.48 -7.90 -17.78
N LEU C 23 -2.27 -9.04 -18.43
CA LEU C 23 -3.19 -10.17 -18.32
C LEU C 23 -2.39 -11.46 -18.12
N GLN C 24 -2.83 -12.27 -17.15
CA GLN C 24 -2.19 -13.54 -16.85
C GLN C 24 -3.29 -14.57 -16.58
N VAL C 25 -2.92 -15.86 -16.71
CA VAL C 25 -3.79 -16.97 -16.37
C VAL C 25 -3.13 -17.82 -15.29
N ASP C 26 -3.76 -17.88 -14.11
CA ASP C 26 -3.31 -18.65 -12.98
C ASP C 26 -4.05 -19.99 -12.94
N ASP C 27 -3.29 -21.08 -12.78
CA ASP C 27 -3.84 -22.35 -12.31
C ASP C 27 -3.81 -22.32 -10.79
N VAL C 28 -4.94 -22.66 -10.16
CA VAL C 28 -5.09 -22.49 -8.71
C VAL C 28 -5.59 -23.77 -8.07
N GLU C 29 -5.13 -24.01 -6.83
CA GLU C 29 -5.61 -25.11 -6.02
C GLU C 29 -6.85 -24.65 -5.25
N LEU C 30 -7.99 -25.26 -5.55
CA LEU C 30 -9.24 -24.96 -4.87
C LEU C 30 -9.16 -25.43 -3.41
N PRO C 31 -10.06 -24.91 -2.55
CA PRO C 31 -10.07 -25.37 -1.16
C PRO C 31 -10.21 -26.88 -1.01
N ASN C 32 -10.84 -27.54 -1.98
CA ASN C 32 -10.94 -28.99 -1.99
C ASN C 32 -9.79 -29.66 -2.73
N GLY C 33 -8.69 -28.95 -2.98
CA GLY C 33 -7.55 -29.51 -3.67
C GLY C 33 -7.70 -29.70 -5.17
N GLN C 34 -8.91 -29.53 -5.71
CA GLN C 34 -9.10 -29.50 -7.16
C GLN C 34 -8.43 -28.26 -7.76
N THR C 35 -8.31 -28.26 -9.07
CA THR C 35 -7.61 -27.20 -9.79
C THR C 35 -8.56 -26.53 -10.77
N SER C 36 -8.37 -25.21 -10.94
CA SER C 36 -9.15 -24.38 -11.85
C SER C 36 -8.23 -23.36 -12.49
N LYS C 37 -8.76 -22.62 -13.45
CA LYS C 37 -8.01 -21.56 -14.11
C LYS C 37 -8.66 -20.22 -13.79
N ARG C 38 -7.83 -19.24 -13.43
CA ARG C 38 -8.29 -17.90 -13.10
C ARG C 38 -7.61 -16.89 -14.01
N GLU C 39 -8.40 -16.04 -14.65
CA GLU C 39 -7.88 -14.99 -15.52
C GLU C 39 -7.82 -13.67 -14.75
N ILE C 40 -6.69 -12.97 -14.84
CA ILE C 40 -6.39 -11.86 -13.95
C ILE C 40 -5.85 -10.69 -14.76
N VAL C 41 -6.59 -9.61 -14.77
CA VAL C 41 -6.12 -8.35 -15.33
C VAL C 41 -5.45 -7.56 -14.22
N ARG C 42 -4.32 -6.94 -14.53
CA ARG C 42 -3.60 -6.13 -13.57
C ARG C 42 -3.60 -4.69 -14.05
N HIS C 43 -3.96 -3.78 -13.14
CA HIS C 43 -4.24 -2.40 -13.50
C HIS C 43 -3.76 -1.52 -12.36
N PRO C 44 -3.17 -0.36 -12.68
CA PRO C 44 -2.49 0.45 -11.65
C PRO C 44 -3.32 0.80 -10.41
N GLY C 45 -4.59 1.13 -10.56
CA GLY C 45 -5.28 1.69 -9.42
C GLY C 45 -5.37 3.21 -9.51
N ALA C 46 -6.47 3.80 -9.05
CA ALA C 46 -6.72 5.21 -9.32
C ALA C 46 -7.28 5.92 -8.09
N VAL C 47 -7.31 7.25 -8.20
CA VAL C 47 -7.87 8.13 -7.20
C VAL C 47 -8.92 9.01 -7.88
N ALA C 48 -10.04 9.23 -7.19
CA ALA C 48 -11.19 9.93 -7.73
C ALA C 48 -11.67 10.92 -6.68
N VAL C 49 -12.23 12.04 -7.13
CA VAL C 49 -12.54 13.19 -6.27
C VAL C 49 -14.02 13.53 -6.37
N ILE C 50 -14.71 13.55 -5.23
CA ILE C 50 -16.04 14.12 -5.15
C ILE C 50 -15.90 15.59 -4.76
N ALA C 51 -16.15 16.49 -5.70
CA ALA C 51 -15.94 17.92 -5.50
C ALA C 51 -17.28 18.64 -5.58
N ILE C 52 -17.78 19.08 -4.43
CA ILE C 52 -19.08 19.74 -4.31
C ILE C 52 -18.83 21.23 -4.04
N THR C 53 -19.21 22.06 -5.02
CA THR C 53 -19.01 23.51 -4.93
C THR C 53 -19.83 24.12 -3.80
N ASN C 54 -19.55 25.40 -3.51
CA ASN C 54 -20.33 26.14 -2.53
C ASN C 54 -21.75 26.37 -3.01
N GLU C 55 -21.98 26.29 -4.33
CA GLU C 55 -23.30 26.34 -4.94
C GLU C 55 -24.04 25.01 -4.86
N ASN C 56 -23.36 23.94 -4.44
CA ASN C 56 -23.89 22.60 -4.21
C ASN C 56 -24.07 21.82 -5.51
N LYS C 57 -23.14 22.03 -6.46
CA LYS C 57 -23.13 21.36 -7.74
C LYS C 57 -21.92 20.42 -7.79
N ILE C 58 -22.19 19.11 -7.84
CA ILE C 58 -21.09 18.14 -7.97
C ILE C 58 -20.40 18.35 -9.31
N VAL C 59 -19.05 18.27 -9.29
CA VAL C 59 -18.21 18.70 -10.40
C VAL C 59 -17.74 17.49 -11.18
N MET C 60 -17.86 17.54 -12.51
CA MET C 60 -17.73 16.36 -13.35
C MET C 60 -17.08 16.75 -14.67
N VAL C 61 -16.56 15.75 -15.38
CA VAL C 61 -15.93 15.96 -16.69
C VAL C 61 -16.38 14.86 -17.65
N GLU C 62 -16.63 15.23 -18.89
CA GLU C 62 -17.02 14.21 -19.86
C GLU C 62 -15.77 13.50 -20.40
N GLN C 63 -15.98 12.27 -20.88
CA GLN C 63 -14.88 11.30 -20.99
C GLN C 63 -15.24 10.27 -22.04
N TYR C 64 -14.54 10.24 -23.16
CA TYR C 64 -14.81 9.19 -24.13
C TYR C 64 -14.22 7.88 -23.65
N ARG C 65 -15.03 6.82 -23.70
CA ARG C 65 -14.68 5.50 -23.19
C ARG C 65 -14.83 4.52 -24.34
N LYS C 66 -13.72 4.24 -25.02
CA LYS C 66 -13.77 3.37 -26.19
C LYS C 66 -14.33 1.98 -25.88
N PRO C 67 -14.01 1.30 -24.77
CA PRO C 67 -14.69 0.02 -24.51
C PRO C 67 -16.21 0.13 -24.52
N LEU C 68 -16.77 1.29 -24.20
CA LEU C 68 -18.22 1.50 -24.20
C LEU C 68 -18.73 2.08 -25.49
N GLU C 69 -17.87 2.64 -26.35
CA GLU C 69 -18.31 3.29 -27.58
C GLU C 69 -19.25 4.47 -27.28
N LYS C 70 -18.96 5.19 -26.19
CA LYS C 70 -19.75 6.29 -25.66
C LYS C 70 -18.83 7.19 -24.85
N SER C 71 -19.22 8.45 -24.75
CA SER C 71 -18.67 9.35 -23.73
C SER C 71 -19.66 9.38 -22.56
N ILE C 72 -19.12 9.37 -21.33
CA ILE C 72 -19.92 9.42 -20.12
C ILE C 72 -19.44 10.57 -19.24
N VAL C 73 -20.20 10.85 -18.20
CA VAL C 73 -19.94 11.97 -17.30
C VAL C 73 -19.43 11.38 -15.98
N GLU C 74 -18.16 11.62 -15.67
CA GLU C 74 -17.49 11.00 -14.52
C GLU C 74 -16.95 12.05 -13.55
N ILE C 75 -16.76 11.63 -12.29
CA ILE C 75 -16.08 12.50 -11.32
C ILE C 75 -14.63 12.61 -11.73
N PRO C 76 -13.94 13.69 -11.35
CA PRO C 76 -12.51 13.81 -11.68
C PRO C 76 -11.72 12.64 -11.10
N ALA C 77 -10.89 12.02 -11.95
CA ALA C 77 -10.14 10.85 -11.51
C ALA C 77 -8.86 10.72 -12.31
N GLY C 78 -7.94 9.92 -11.79
CA GLY C 78 -6.68 9.68 -12.47
C GLY C 78 -5.88 8.62 -11.74
N LYS C 79 -4.76 8.25 -12.35
CA LYS C 79 -3.99 7.11 -11.88
C LYS C 79 -3.22 7.45 -10.60
N LEU C 80 -3.06 6.44 -9.75
CA LEU C 80 -2.17 6.57 -8.61
C LEU C 80 -0.73 6.78 -9.09
N GLU C 81 0.00 7.65 -8.39
CA GLU C 81 1.42 7.88 -8.65
C GLU C 81 2.25 7.20 -7.58
N LYS C 82 3.08 6.23 -8.00
CA LYS C 82 3.95 5.48 -7.10
C LYS C 82 4.71 6.41 -6.18
N GLY C 83 4.68 6.09 -4.88
CA GLY C 83 5.35 6.88 -3.88
C GLY C 83 4.71 8.21 -3.55
N GLU C 84 3.58 8.56 -4.16
CA GLU C 84 2.90 9.81 -3.84
C GLU C 84 1.72 9.52 -2.92
N ASP C 85 1.49 10.42 -1.95
CA ASP C 85 0.32 10.32 -1.10
C ASP C 85 -0.92 10.48 -1.97
N PRO C 86 -1.88 9.53 -1.93
CA PRO C 86 -3.05 9.66 -2.81
C PRO C 86 -3.79 10.98 -2.62
N ARG C 87 -3.84 11.50 -1.38
CA ARG C 87 -4.39 12.83 -1.12
C ARG C 87 -3.76 13.88 -2.02
N ILE C 88 -2.46 13.76 -2.30
CA ILE C 88 -1.77 14.72 -3.16
C ILE C 88 -2.15 14.50 -4.62
N THR C 89 -2.24 13.23 -5.05
CA THR C 89 -2.63 12.95 -6.43
C THR C 89 -4.04 13.46 -6.71
N ALA C 90 -4.92 13.42 -5.71
CA ALA C 90 -6.28 13.95 -5.81
C ALA C 90 -6.29 15.48 -5.92
N LEU C 91 -5.35 16.17 -5.25
CA LEU C 91 -5.28 17.62 -5.38
C LEU C 91 -4.75 18.02 -6.75
N ARG C 92 -3.73 17.33 -7.24
CA ARG C 92 -3.27 17.54 -8.60
C ARG C 92 -4.37 17.17 -9.59
N GLU C 93 -5.03 16.04 -9.36
CA GLU C 93 -6.16 15.61 -10.19
C GLU C 93 -7.21 16.72 -10.31
N LEU C 94 -7.73 17.16 -9.16
CA LEU C 94 -8.84 18.11 -9.16
C LEU C 94 -8.47 19.39 -9.88
N GLU C 95 -7.24 19.89 -9.68
CA GLU C 95 -6.87 21.17 -10.28
C GLU C 95 -6.58 21.04 -11.78
N GLU C 96 -6.04 19.89 -12.23
CA GLU C 96 -5.66 19.76 -13.63
C GLU C 96 -6.85 19.49 -14.53
N GLU C 97 -7.90 18.86 -14.02
CA GLU C 97 -9.08 18.56 -14.82
C GLU C 97 -10.12 19.66 -14.74
N THR C 98 -10.33 20.24 -13.56
CA THR C 98 -11.43 21.17 -13.35
C THR C 98 -11.00 22.59 -13.01
N GLY C 99 -9.74 22.83 -12.71
CA GLY C 99 -9.30 24.17 -12.35
C GLY C 99 -9.63 24.60 -10.95
N TYR C 100 -9.88 23.66 -10.04
CA TYR C 100 -10.23 23.96 -8.66
C TYR C 100 -9.08 23.64 -7.70
N GLU C 101 -8.93 24.49 -6.69
CA GLU C 101 -8.18 24.19 -5.48
C GLU C 101 -9.16 24.16 -4.32
N CYS C 102 -8.75 23.57 -3.20
CA CYS C 102 -9.69 23.28 -2.15
C CYS C 102 -9.04 23.41 -0.78
N GLU C 103 -9.87 23.34 0.26
CA GLU C 103 -9.46 23.60 1.64
C GLU C 103 -9.20 22.34 2.47
N GLN C 104 -9.86 21.23 2.18
CA GLN C 104 -9.62 20.00 2.93
C GLN C 104 -9.95 18.81 2.03
N MET C 105 -8.93 18.05 1.65
CA MET C 105 -9.08 16.87 0.80
C MET C 105 -8.94 15.63 1.69
N GLU C 106 -10.05 15.18 2.25
CA GLU C 106 -9.99 14.03 3.14
C GLU C 106 -10.55 12.79 2.46
N TRP C 107 -10.10 11.64 2.93
CA TRP C 107 -10.42 10.35 2.32
C TRP C 107 -11.85 9.91 2.66
N LEU C 108 -12.43 9.16 1.74
CA LEU C 108 -13.79 8.66 1.95
C LEU C 108 -13.83 7.14 1.93
N ILE C 109 -13.40 6.50 0.84
CA ILE C 109 -13.61 5.06 0.70
C ILE C 109 -12.70 4.55 -0.40
N SER C 110 -12.46 3.24 -0.41
CA SER C 110 -11.65 2.54 -1.40
C SER C 110 -12.34 1.25 -1.75
N PHE C 111 -12.26 0.83 -3.00
CA PHE C 111 -12.95 -0.38 -3.38
C PHE C 111 -12.35 -0.90 -4.68
N ALA C 112 -12.48 -2.20 -4.89
CA ALA C 112 -12.15 -2.77 -6.19
C ALA C 112 -13.31 -2.56 -7.15
N THR C 113 -12.99 -2.22 -8.41
CA THR C 113 -14.04 -1.92 -9.39
C THR C 113 -14.71 -3.19 -9.92
N SER C 114 -13.92 -4.23 -10.20
CA SER C 114 -14.46 -5.45 -10.79
C SER C 114 -13.58 -6.60 -10.36
N PRO C 115 -13.84 -7.16 -9.17
CA PRO C 115 -12.91 -8.14 -8.58
C PRO C 115 -13.02 -9.54 -9.14
N GLY C 116 -14.00 -9.80 -10.02
CA GLY C 116 -14.03 -11.10 -10.68
C GLY C 116 -12.82 -11.35 -11.56
N PHE C 117 -12.28 -10.33 -12.18
CA PHE C 117 -11.17 -10.53 -13.09
C PHE C 117 -10.03 -9.54 -12.96
N ALA C 118 -10.26 -8.36 -12.39
CA ALA C 118 -9.21 -7.35 -12.35
C ALA C 118 -8.98 -6.89 -10.92
N ASP C 119 -7.86 -6.20 -10.71
CA ASP C 119 -7.46 -5.75 -9.39
C ASP C 119 -7.34 -4.24 -9.32
N GLU C 120 -7.93 -3.51 -10.28
CA GLU C 120 -7.99 -2.05 -10.17
C GLU C 120 -8.65 -1.66 -8.85
N ILE C 121 -8.02 -0.71 -8.14
CA ILE C 121 -8.57 -0.16 -6.91
C ILE C 121 -8.77 1.33 -7.14
N ILE C 122 -9.92 1.84 -6.69
CA ILE C 122 -10.22 3.26 -6.71
C ILE C 122 -10.18 3.75 -5.28
N HIS C 123 -9.56 4.92 -5.08
CA HIS C 123 -9.64 5.62 -3.81
C HIS C 123 -10.39 6.91 -4.04
N ILE C 124 -11.44 7.13 -3.26
CA ILE C 124 -12.29 8.31 -3.40
C ILE C 124 -11.95 9.28 -2.28
N TYR C 125 -11.75 10.54 -2.66
CA TYR C 125 -11.55 11.63 -1.71
C TYR C 125 -12.61 12.70 -1.92
N VAL C 126 -13.01 13.34 -0.84
CA VAL C 126 -13.97 14.43 -0.86
C VAL C 126 -13.21 15.75 -0.70
N ALA C 127 -13.38 16.63 -1.67
CA ALA C 127 -12.83 17.98 -1.62
C ALA C 127 -13.90 18.94 -1.12
N LYS C 128 -13.56 19.76 -0.13
CA LYS C 128 -14.47 20.75 0.43
C LYS C 128 -13.92 22.17 0.23
N GLY C 129 -14.83 23.13 0.09
CA GLY C 129 -14.47 24.54 -0.02
C GLY C 129 -13.69 24.85 -1.28
N LEU C 130 -14.37 24.89 -2.42
CA LEU C 130 -13.72 24.95 -3.72
C LEU C 130 -13.54 26.39 -4.19
N SER C 131 -12.53 26.59 -5.03
CA SER C 131 -12.30 27.88 -5.66
C SER C 131 -11.47 27.64 -6.91
N LYS C 132 -11.71 28.43 -7.95
CA LYS C 132 -11.05 28.22 -9.24
C LYS C 132 -9.56 28.58 -9.20
N PHE C 144 -11.04 24.14 -20.09
CA PHE C 144 -11.76 23.00 -19.51
C PHE C 144 -13.05 22.73 -20.29
N VAL C 145 -12.87 22.34 -21.56
CA VAL C 145 -13.99 22.15 -22.48
C VAL C 145 -14.97 21.11 -21.97
N ASP C 146 -14.46 20.02 -21.37
CA ASP C 146 -15.29 18.90 -20.93
C ASP C 146 -15.85 19.08 -19.52
N LEU C 147 -15.59 20.21 -18.87
CA LEU C 147 -16.06 20.45 -17.50
C LEU C 147 -17.58 20.56 -17.47
N ILE C 148 -18.19 20.00 -16.42
CA ILE C 148 -19.64 19.90 -16.27
C ILE C 148 -19.94 19.99 -14.77
N GLU C 149 -20.84 20.87 -14.38
CA GLU C 149 -21.25 20.96 -12.98
C GLU C 149 -22.75 20.74 -12.88
N LEU C 150 -23.15 19.93 -11.90
CA LEU C 150 -24.51 19.41 -11.86
C LEU C 150 -25.05 19.51 -10.46
N THR C 151 -26.24 20.09 -10.34
CA THR C 151 -27.04 19.95 -9.13
C THR C 151 -27.37 18.47 -8.90
N LEU C 152 -27.79 18.15 -7.67
CA LEU C 152 -28.20 16.79 -7.37
C LEU C 152 -29.28 16.31 -8.34
N ASP C 153 -30.27 17.15 -8.66
CA ASP C 153 -31.36 16.75 -9.54
C ASP C 153 -30.87 16.54 -10.98
N GLU C 154 -30.02 17.45 -11.48
CA GLU C 154 -29.38 17.19 -12.76
C GLU C 154 -28.59 15.89 -12.73
N ALA C 155 -27.95 15.59 -11.60
CA ALA C 155 -27.17 14.36 -11.51
C ALA C 155 -28.08 13.14 -11.58
N LEU C 156 -29.23 13.19 -10.92
CA LEU C 156 -30.12 12.03 -10.96
C LEU C 156 -30.77 11.88 -12.33
N GLN C 157 -31.05 13.00 -13.01
CA GLN C 157 -31.50 12.95 -14.40
C GLN C 157 -30.42 12.35 -15.31
N TYR C 158 -29.14 12.66 -15.02
CA TYR C 158 -28.06 12.08 -15.83
C TYR C 158 -27.95 10.56 -15.63
N ILE C 159 -28.25 10.06 -14.43
CA ILE C 159 -28.31 8.61 -14.23
C ILE C 159 -29.47 8.01 -15.02
N LYS C 160 -30.62 8.68 -15.01
CA LYS C 160 -31.76 8.18 -15.78
C LYS C 160 -31.43 8.17 -17.28
N GLU C 161 -30.71 9.16 -17.76
CA GLU C 161 -30.29 9.16 -19.14
C GLU C 161 -29.10 8.26 -19.43
N GLN C 162 -28.56 7.59 -18.41
CA GLN C 162 -27.34 6.80 -18.50
C GLN C 162 -26.17 7.60 -19.08
N ARG C 163 -26.24 8.92 -19.00
CA ARG C 163 -25.05 9.75 -19.16
C ARG C 163 -24.06 9.55 -18.02
N ILE C 164 -24.53 9.31 -16.79
CA ILE C 164 -23.66 8.82 -15.71
C ILE C 164 -23.86 7.32 -15.64
N TYR C 165 -22.78 6.57 -15.77
CA TYR C 165 -22.87 5.19 -16.17
C TYR C 165 -21.58 4.44 -15.83
N ASP C 166 -20.97 4.78 -14.68
CA ASP C 166 -19.79 4.03 -14.20
C ASP C 166 -19.80 4.07 -12.68
N SER C 167 -19.16 3.06 -12.07
CA SER C 167 -19.38 2.77 -10.65
C SER C 167 -18.93 3.92 -9.75
N LYS C 168 -17.73 4.46 -9.98
CA LYS C 168 -17.24 5.52 -9.10
C LYS C 168 -18.14 6.75 -9.16
N THR C 169 -18.69 7.09 -10.34
CA THR C 169 -19.53 8.27 -10.41
C THR C 169 -20.92 8.03 -9.83
N VAL C 170 -21.44 6.80 -9.91
CA VAL C 170 -22.67 6.47 -9.19
C VAL C 170 -22.46 6.59 -7.68
N ILE C 171 -21.28 6.19 -7.18
CA ILE C 171 -21.03 6.27 -5.74
C ILE C 171 -21.04 7.73 -5.30
N ALA C 172 -20.41 8.60 -6.08
CA ALA C 172 -20.41 10.04 -5.75
C ALA C 172 -21.81 10.60 -5.70
N VAL C 173 -22.63 10.31 -6.72
CA VAL C 173 -23.99 10.85 -6.75
C VAL C 173 -24.76 10.40 -5.53
N GLN C 174 -24.64 9.12 -5.17
CA GLN C 174 -25.27 8.63 -3.95
C GLN C 174 -24.77 9.39 -2.73
N TYR C 175 -23.47 9.70 -2.72
CA TYR C 175 -22.90 10.46 -1.61
C TYR C 175 -23.57 11.83 -1.50
N LEU C 176 -23.64 12.56 -2.61
CA LEU C 176 -24.37 13.83 -2.63
C LEU C 176 -25.82 13.66 -2.17
N GLN C 177 -26.43 12.50 -2.45
CA GLN C 177 -27.80 12.27 -2.03
C GLN C 177 -27.91 12.07 -0.52
N LEU C 178 -26.99 11.28 0.07
CA LEU C 178 -26.97 11.10 1.52
C LEU C 178 -26.62 12.40 2.24
N GLN C 179 -25.63 13.13 1.71
CA GLN C 179 -25.31 14.44 2.25
C GLN C 179 -26.53 15.34 2.32
N GLU C 180 -27.35 15.33 1.27
CA GLU C 180 -28.49 16.26 1.21
C GLU C 180 -29.71 15.72 1.92
N ALA C 181 -29.87 14.40 2.05
CA ALA C 181 -30.90 13.88 2.93
C ALA C 181 -30.59 14.17 4.40
N LEU C 182 -29.37 14.64 4.70
CA LEU C 182 -28.96 14.96 6.06
C LEU C 182 -28.87 16.44 6.34
N LYS C 183 -28.59 17.27 5.33
CA LYS C 183 -28.80 18.71 5.48
C LYS C 183 -30.25 19.02 5.82
N ASN C 184 -31.19 18.21 5.33
CA ASN C 184 -32.61 18.44 5.56
C ASN C 184 -33.08 17.89 6.90
N LYS C 185 -32.39 16.88 7.44
CA LYS C 185 -32.72 16.38 8.77
C LYS C 185 -32.62 17.48 9.82
N LEU C 186 -31.69 18.41 9.64
CA LEU C 186 -31.51 19.52 10.57
C LEU C 186 -32.57 20.61 10.39
N GLU C 187 -32.88 20.97 9.15
CA GLU C 187 -33.82 22.05 8.87
C GLU C 187 -35.25 21.70 9.24
N LEU D 4 -18.89 11.46 -32.88
CA LEU D 4 -18.53 12.45 -31.84
C LEU D 4 -17.49 11.89 -30.88
N PHE D 5 -16.41 12.65 -30.70
CA PHE D 5 -15.19 12.20 -30.01
C PHE D 5 -14.84 10.75 -30.35
N GLU D 6 -15.55 10.17 -31.34
CA GLU D 6 -15.48 8.75 -31.65
C GLU D 6 -14.10 8.37 -32.19
N GLU D 7 -13.63 7.21 -31.75
CA GLU D 7 -12.38 6.62 -32.18
C GLU D 7 -12.76 5.37 -32.96
N LYS D 8 -12.93 5.54 -34.28
CA LYS D 8 -13.33 4.44 -35.14
C LYS D 8 -12.24 3.39 -35.18
N THR D 9 -12.62 2.12 -34.98
CA THR D 9 -11.67 1.01 -35.06
C THR D 9 -11.30 0.75 -36.53
N ILE D 10 -9.99 0.67 -36.81
CA ILE D 10 -9.54 0.30 -38.13
C ILE D 10 -8.98 -1.13 -38.18
N LYS D 11 -8.44 -1.63 -37.07
CA LYS D 11 -7.95 -3.01 -37.02
C LYS D 11 -8.12 -3.55 -35.61
N THR D 12 -8.41 -4.85 -35.53
CA THR D 12 -8.63 -5.54 -34.26
C THR D 12 -7.77 -6.81 -34.20
N GLU D 13 -6.86 -6.84 -33.24
CA GLU D 13 -6.10 -8.04 -32.94
C GLU D 13 -6.69 -8.69 -31.69
N GLN D 14 -7.21 -9.91 -31.86
CA GLN D 14 -7.68 -10.72 -30.72
C GLN D 14 -6.48 -11.29 -29.96
N ILE D 15 -6.24 -10.80 -28.74
CA ILE D 15 -5.11 -11.28 -27.97
C ILE D 15 -5.46 -12.57 -27.26
N PHE D 16 -6.66 -12.66 -26.71
CA PHE D 16 -6.99 -13.73 -25.77
C PHE D 16 -8.50 -13.93 -25.75
N SER D 17 -8.91 -15.17 -25.48
CA SER D 17 -10.33 -15.53 -25.47
C SER D 17 -10.51 -16.62 -24.40
N GLY D 18 -11.00 -16.21 -23.23
CA GLY D 18 -11.07 -17.12 -22.11
C GLY D 18 -12.48 -17.36 -21.61
N ARG D 19 -12.60 -17.96 -20.41
CA ARG D 19 -13.91 -18.17 -19.80
C ARG D 19 -14.58 -16.82 -19.51
N VAL D 20 -13.93 -16.01 -18.69
CA VAL D 20 -14.48 -14.76 -18.18
C VAL D 20 -14.12 -13.57 -19.07
N VAL D 21 -12.85 -13.44 -19.46
CA VAL D 21 -12.40 -12.27 -20.20
C VAL D 21 -11.90 -12.67 -21.59
N LYS D 22 -12.15 -11.77 -22.54
CA LYS D 22 -11.51 -11.73 -23.84
C LYS D 22 -10.70 -10.45 -23.91
N LEU D 23 -9.54 -10.51 -24.57
CA LEU D 23 -8.68 -9.35 -24.73
C LEU D 23 -8.43 -9.13 -26.21
N GLN D 24 -8.61 -7.88 -26.63
CA GLN D 24 -8.33 -7.46 -28.00
C GLN D 24 -7.63 -6.12 -27.93
N VAL D 25 -6.87 -5.81 -28.98
CA VAL D 25 -6.26 -4.49 -29.12
C VAL D 25 -6.78 -3.88 -30.41
N ASP D 26 -7.16 -2.60 -30.34
CA ASP D 26 -7.74 -1.89 -31.46
C ASP D 26 -6.85 -0.73 -31.87
N ASP D 27 -6.55 -0.65 -33.17
CA ASP D 27 -6.06 0.58 -33.75
C ASP D 27 -7.25 1.46 -34.09
N VAL D 28 -7.17 2.73 -33.72
CA VAL D 28 -8.30 3.64 -33.83
C VAL D 28 -7.82 4.91 -34.49
N GLU D 29 -8.69 5.53 -35.30
CA GLU D 29 -8.46 6.91 -35.72
C GLU D 29 -8.95 7.85 -34.62
N LEU D 30 -8.13 8.84 -34.27
CA LEU D 30 -8.58 9.94 -33.43
C LEU D 30 -9.31 10.93 -34.34
N PRO D 31 -9.75 12.09 -33.83
CA PRO D 31 -10.45 13.02 -34.74
C PRO D 31 -9.53 13.66 -35.75
N ASN D 32 -8.32 14.02 -35.33
CA ASN D 32 -7.39 14.79 -36.13
C ASN D 32 -6.47 13.92 -36.98
N GLY D 33 -6.91 12.73 -37.38
CA GLY D 33 -6.10 11.88 -38.22
C GLY D 33 -4.99 11.12 -37.53
N GLN D 34 -4.88 11.24 -36.20
CA GLN D 34 -3.93 10.41 -35.48
C GLN D 34 -4.49 9.01 -35.28
N THR D 35 -3.60 8.03 -35.30
CA THR D 35 -3.88 6.67 -34.86
C THR D 35 -3.52 6.54 -33.39
N SER D 36 -4.00 5.47 -32.77
CA SER D 36 -3.64 5.14 -31.40
C SER D 36 -4.02 3.69 -31.18
N LYS D 37 -3.79 3.22 -29.97
CA LYS D 37 -4.08 1.84 -29.63
C LYS D 37 -4.98 1.79 -28.41
N ARG D 38 -5.92 0.85 -28.43
CA ARG D 38 -6.88 0.69 -27.36
C ARG D 38 -6.89 -0.77 -26.96
N GLU D 39 -6.52 -1.05 -25.71
CA GLU D 39 -6.64 -2.38 -25.15
C GLU D 39 -8.04 -2.51 -24.55
N ILE D 40 -8.79 -3.52 -24.97
CA ILE D 40 -10.18 -3.65 -24.59
C ILE D 40 -10.42 -5.05 -24.03
N VAL D 41 -10.83 -5.13 -22.77
CA VAL D 41 -11.35 -6.36 -22.21
C VAL D 41 -12.83 -6.40 -22.48
N ARG D 42 -13.28 -7.44 -23.17
CA ARG D 42 -14.69 -7.69 -23.37
C ARG D 42 -15.16 -8.66 -22.29
N HIS D 43 -16.21 -8.28 -21.56
CA HIS D 43 -16.75 -9.07 -20.47
C HIS D 43 -18.25 -9.23 -20.69
N PRO D 44 -18.83 -10.39 -20.33
CA PRO D 44 -20.27 -10.57 -20.56
C PRO D 44 -21.15 -9.71 -19.66
N GLY D 45 -20.64 -9.18 -18.57
CA GLY D 45 -21.54 -8.37 -17.78
C GLY D 45 -22.47 -9.20 -16.91
N ALA D 46 -23.07 -8.57 -15.92
CA ALA D 46 -23.63 -9.31 -14.81
C ALA D 46 -24.88 -8.63 -14.30
N VAL D 47 -25.69 -9.41 -13.60
CA VAL D 47 -26.75 -8.89 -12.76
C VAL D 47 -26.37 -9.14 -11.30
N ALA D 48 -26.53 -8.12 -10.48
CA ALA D 48 -26.27 -8.21 -9.06
C ALA D 48 -27.56 -7.85 -8.33
N VAL D 49 -27.86 -8.58 -7.26
CA VAL D 49 -29.14 -8.43 -6.55
C VAL D 49 -28.93 -7.82 -5.17
N ILE D 50 -29.63 -6.72 -4.90
CA ILE D 50 -29.82 -6.21 -3.55
C ILE D 50 -31.06 -6.90 -2.98
N ALA D 51 -30.84 -7.80 -2.01
CA ALA D 51 -31.88 -8.68 -1.49
C ALA D 51 -32.01 -8.40 -0.01
N ILE D 52 -33.14 -7.81 0.39
CA ILE D 52 -33.40 -7.49 1.79
C ILE D 52 -34.48 -8.42 2.32
N THR D 53 -34.24 -8.99 3.49
CA THR D 53 -35.16 -9.94 4.11
C THR D 53 -36.26 -9.19 4.87
N ASN D 54 -37.35 -9.91 5.16
CA ASN D 54 -38.44 -9.31 5.91
C ASN D 54 -38.02 -8.82 7.30
N GLU D 55 -36.83 -9.21 7.76
CA GLU D 55 -36.16 -8.63 8.92
C GLU D 55 -35.21 -7.49 8.57
N ASN D 56 -35.30 -6.93 7.36
CA ASN D 56 -34.45 -5.82 6.95
C ASN D 56 -32.95 -6.13 7.01
N LYS D 57 -32.58 -7.39 6.82
CA LYS D 57 -31.19 -7.76 6.62
C LYS D 57 -30.89 -7.84 5.12
N ILE D 58 -29.70 -7.40 4.72
CA ILE D 58 -29.29 -7.51 3.32
C ILE D 58 -28.43 -8.76 3.15
N VAL D 59 -28.84 -9.61 2.19
CA VAL D 59 -28.22 -10.91 1.98
C VAL D 59 -26.94 -10.73 1.17
N MET D 60 -25.82 -11.22 1.69
CA MET D 60 -24.55 -11.13 1.01
C MET D 60 -23.86 -12.48 1.07
N VAL D 61 -22.81 -12.60 0.26
CA VAL D 61 -22.02 -13.82 0.18
C VAL D 61 -20.56 -13.41 0.25
N GLU D 62 -19.80 -14.08 1.10
CA GLU D 62 -18.36 -13.89 1.13
C GLU D 62 -17.73 -14.86 0.13
N GLN D 63 -16.70 -14.40 -0.57
CA GLN D 63 -16.21 -15.15 -1.72
C GLN D 63 -14.74 -14.80 -1.92
N TYR D 64 -13.94 -15.79 -2.26
CA TYR D 64 -12.56 -15.49 -2.61
C TYR D 64 -12.50 -14.88 -4.01
N ARG D 65 -11.75 -13.80 -4.13
CA ARG D 65 -11.51 -13.15 -5.42
C ARG D 65 -10.01 -13.20 -5.70
N LYS D 66 -9.62 -14.07 -6.64
CA LYS D 66 -8.21 -14.26 -6.98
C LYS D 66 -7.48 -12.96 -7.35
N PRO D 67 -8.02 -12.03 -8.15
CA PRO D 67 -7.26 -10.82 -8.46
C PRO D 67 -6.94 -9.95 -7.25
N LEU D 68 -7.63 -10.12 -6.13
CA LEU D 68 -7.32 -9.34 -4.94
C LEU D 68 -6.53 -10.14 -3.91
N GLU D 69 -6.37 -11.44 -4.12
CA GLU D 69 -5.81 -12.37 -3.14
C GLU D 69 -6.53 -12.26 -1.80
N LYS D 70 -7.84 -12.03 -1.81
CA LYS D 70 -8.58 -12.06 -0.57
C LYS D 70 -10.05 -12.35 -0.84
N SER D 71 -10.75 -12.71 0.21
CA SER D 71 -12.18 -12.86 0.20
C SER D 71 -12.83 -11.53 0.58
N ILE D 72 -13.99 -11.25 -0.02
CA ILE D 72 -14.71 -10.01 0.22
C ILE D 72 -16.19 -10.34 0.35
N VAL D 73 -16.91 -9.43 0.99
CA VAL D 73 -18.35 -9.57 1.20
C VAL D 73 -19.06 -8.79 0.11
N GLU D 74 -19.88 -9.49 -0.68
CA GLU D 74 -20.56 -8.88 -1.81
C GLU D 74 -22.02 -9.31 -1.87
N ILE D 75 -22.82 -8.49 -2.56
CA ILE D 75 -24.18 -8.87 -2.91
C ILE D 75 -24.11 -9.99 -3.95
N PRO D 76 -25.08 -10.89 -4.00
CA PRO D 76 -25.05 -11.92 -5.05
C PRO D 76 -24.94 -11.29 -6.43
N ALA D 77 -24.25 -11.98 -7.32
CA ALA D 77 -24.18 -11.53 -8.71
C ALA D 77 -23.83 -12.71 -9.59
N GLY D 78 -24.08 -12.55 -10.87
CA GLY D 78 -23.90 -13.65 -11.80
C GLY D 78 -23.83 -13.12 -13.21
N LYS D 79 -23.37 -13.99 -14.11
CA LYS D 79 -23.18 -13.62 -15.50
C LYS D 79 -24.51 -13.43 -16.22
N LEU D 80 -24.63 -12.33 -16.94
CA LEU D 80 -25.81 -12.08 -17.77
C LEU D 80 -25.74 -12.98 -18.98
N GLU D 81 -26.65 -13.93 -19.07
CA GLU D 81 -26.67 -14.90 -20.15
C GLU D 81 -27.19 -14.29 -21.45
N LYS D 82 -26.64 -14.75 -22.58
CA LYS D 82 -27.07 -14.23 -23.88
C LYS D 82 -28.52 -14.64 -24.16
N GLY D 83 -29.32 -13.68 -24.63
CA GLY D 83 -30.70 -13.98 -24.98
C GLY D 83 -31.55 -14.44 -23.83
N GLU D 84 -31.19 -14.08 -22.60
CA GLU D 84 -32.01 -14.37 -21.43
C GLU D 84 -32.44 -13.06 -20.77
N ASP D 85 -33.62 -13.08 -20.18
CA ASP D 85 -34.14 -11.92 -19.47
C ASP D 85 -33.31 -11.65 -18.22
N PRO D 86 -32.65 -10.50 -18.10
CA PRO D 86 -31.81 -10.24 -16.92
C PRO D 86 -32.56 -10.35 -15.60
N ARG D 87 -33.86 -10.08 -15.60
CA ARG D 87 -34.65 -10.29 -14.39
C ARG D 87 -34.75 -11.78 -14.07
N ILE D 88 -34.86 -12.64 -15.10
CA ILE D 88 -34.87 -14.08 -14.87
C ILE D 88 -33.50 -14.55 -14.42
N THR D 89 -32.43 -13.94 -14.93
CA THR D 89 -31.10 -14.24 -14.42
C THR D 89 -30.94 -13.83 -12.95
N ALA D 90 -31.46 -12.66 -12.57
CA ALA D 90 -31.34 -12.20 -11.18
C ALA D 90 -32.05 -13.16 -10.22
N LEU D 91 -33.26 -13.58 -10.57
CA LEU D 91 -33.98 -14.55 -9.75
C LEU D 91 -33.17 -15.82 -9.57
N ARG D 92 -32.60 -16.34 -10.66
CA ARG D 92 -31.84 -17.58 -10.59
C ARG D 92 -30.60 -17.43 -9.73
N GLU D 93 -29.86 -16.32 -9.88
CA GLU D 93 -28.65 -16.17 -9.07
C GLU D 93 -28.99 -15.95 -7.60
N LEU D 94 -30.03 -15.16 -7.32
CA LEU D 94 -30.47 -15.01 -5.93
C LEU D 94 -30.79 -16.37 -5.34
N GLU D 95 -31.60 -17.15 -6.05
CA GLU D 95 -32.01 -18.46 -5.55
C GLU D 95 -30.83 -19.43 -5.48
N GLU D 96 -29.95 -19.43 -6.50
CA GLU D 96 -28.82 -20.36 -6.51
C GLU D 96 -27.81 -20.00 -5.43
N GLU D 97 -27.56 -18.71 -5.20
CA GLU D 97 -26.53 -18.31 -4.25
C GLU D 97 -27.04 -18.21 -2.82
N THR D 98 -28.29 -17.78 -2.61
CA THR D 98 -28.79 -17.56 -1.27
C THR D 98 -29.97 -18.44 -0.87
N GLY D 99 -30.48 -19.27 -1.78
CA GLY D 99 -31.65 -20.04 -1.44
C GLY D 99 -32.93 -19.25 -1.29
N TYR D 100 -32.94 -17.96 -1.59
CA TYR D 100 -34.14 -17.14 -1.48
C TYR D 100 -34.91 -17.07 -2.80
N GLU D 101 -36.23 -17.19 -2.70
CA GLU D 101 -37.14 -16.75 -3.74
C GLU D 101 -37.68 -15.37 -3.37
N CYS D 102 -38.25 -14.69 -4.35
CA CYS D 102 -38.70 -13.33 -4.08
C CYS D 102 -39.99 -13.05 -4.83
N GLU D 103 -40.69 -12.02 -4.38
CA GLU D 103 -41.93 -11.60 -5.01
C GLU D 103 -41.68 -10.57 -6.10
N GLN D 104 -40.83 -9.60 -5.82
CA GLN D 104 -40.46 -8.52 -6.73
C GLN D 104 -38.97 -8.57 -7.06
N MET D 105 -38.63 -8.44 -8.34
CA MET D 105 -37.26 -8.21 -8.79
C MET D 105 -37.28 -7.01 -9.73
N GLU D 106 -36.91 -5.84 -9.22
CA GLU D 106 -37.08 -4.58 -9.92
C GLU D 106 -35.73 -3.96 -10.26
N TRP D 107 -35.52 -3.66 -11.54
CA TRP D 107 -34.23 -3.09 -11.96
C TRP D 107 -34.01 -1.71 -11.34
N LEU D 108 -32.79 -1.48 -10.87
CA LEU D 108 -32.45 -0.24 -10.19
C LEU D 108 -31.58 0.68 -11.02
N ILE D 109 -30.47 0.16 -11.57
CA ILE D 109 -29.44 0.99 -12.19
C ILE D 109 -28.47 0.08 -12.92
N SER D 110 -27.83 0.60 -13.96
CA SER D 110 -26.78 -0.09 -14.66
C SER D 110 -25.55 0.79 -14.73
N PHE D 111 -24.38 0.17 -14.70
CA PHE D 111 -23.16 0.97 -14.81
C PHE D 111 -22.00 0.09 -15.27
N ALA D 112 -21.09 0.71 -16.03
CA ALA D 112 -19.80 0.09 -16.30
C ALA D 112 -18.92 0.12 -15.03
N THR D 113 -18.15 -0.96 -14.82
CA THR D 113 -17.32 -1.05 -13.61
C THR D 113 -15.96 -0.38 -13.75
N SER D 114 -15.30 -0.53 -14.90
CA SER D 114 -14.02 0.12 -15.17
C SER D 114 -13.94 0.37 -16.66
N PRO D 115 -14.51 1.48 -17.11
CA PRO D 115 -14.75 1.66 -18.54
C PRO D 115 -13.57 2.23 -19.31
N GLY D 116 -12.46 2.52 -18.62
CA GLY D 116 -11.24 2.88 -19.33
C GLY D 116 -10.72 1.74 -20.18
N PHE D 117 -10.95 0.49 -19.78
CA PHE D 117 -10.41 -0.63 -20.53
C PHE D 117 -11.34 -1.83 -20.65
N ALA D 118 -12.50 -1.85 -19.97
CA ALA D 118 -13.41 -2.98 -20.02
C ALA D 118 -14.83 -2.52 -20.34
N ASP D 119 -15.60 -3.41 -20.98
CA ASP D 119 -16.98 -3.10 -21.30
C ASP D 119 -17.95 -3.81 -20.37
N GLU D 120 -17.46 -4.26 -19.20
CA GLU D 120 -18.33 -4.94 -18.25
C GLU D 120 -19.39 -3.99 -17.75
N ILE D 121 -20.65 -4.38 -17.93
CA ILE D 121 -21.79 -3.64 -17.41
C ILE D 121 -22.37 -4.48 -16.28
N ILE D 122 -22.66 -3.85 -15.16
CA ILE D 122 -23.38 -4.49 -14.07
C ILE D 122 -24.78 -3.88 -14.05
N HIS D 123 -25.80 -4.74 -13.97
CA HIS D 123 -27.20 -4.35 -13.85
C HIS D 123 -27.67 -4.74 -12.45
N ILE D 124 -28.06 -3.76 -11.65
CA ILE D 124 -28.45 -4.01 -10.27
C ILE D 124 -29.98 -4.10 -10.21
N TYR D 125 -30.47 -5.22 -9.66
CA TYR D 125 -31.88 -5.43 -9.38
C TYR D 125 -32.10 -5.40 -7.87
N VAL D 126 -33.31 -5.05 -7.46
CA VAL D 126 -33.68 -5.06 -6.05
C VAL D 126 -34.76 -6.12 -5.88
N ALA D 127 -34.50 -7.09 -5.00
CA ALA D 127 -35.42 -8.19 -4.74
C ALA D 127 -36.12 -7.92 -3.41
N LYS D 128 -37.45 -8.00 -3.41
CA LYS D 128 -38.27 -7.70 -2.25
C LYS D 128 -39.20 -8.88 -1.99
N GLY D 129 -39.62 -9.03 -0.73
CA GLY D 129 -40.51 -10.13 -0.39
C GLY D 129 -39.80 -11.47 -0.54
N LEU D 130 -38.72 -11.64 0.21
CA LEU D 130 -37.89 -12.84 0.17
C LEU D 130 -38.45 -13.94 1.07
N SER D 131 -38.29 -15.19 0.62
CA SER D 131 -38.66 -16.36 1.41
C SER D 131 -37.85 -17.55 0.93
N LYS D 132 -37.33 -18.34 1.87
CA LYS D 132 -36.41 -19.40 1.52
C LYS D 132 -37.10 -20.46 0.68
N LYS D 133 -36.31 -21.08 -0.21
CA LYS D 133 -36.77 -22.13 -1.12
C LYS D 133 -36.45 -23.50 -0.52
N GLU D 134 -37.44 -24.40 -0.55
CA GLU D 134 -37.28 -25.78 -0.07
C GLU D 134 -36.23 -26.53 -0.89
N ASP D 146 -21.20 -19.69 2.74
CA ASP D 146 -20.60 -18.36 2.80
C ASP D 146 -21.70 -17.31 2.80
N LEU D 147 -22.93 -17.79 2.99
CA LEU D 147 -24.06 -16.89 3.09
C LEU D 147 -23.93 -16.01 4.34
N ILE D 148 -24.30 -14.75 4.19
CA ILE D 148 -24.27 -13.77 5.26
C ILE D 148 -25.50 -12.89 5.13
N GLU D 149 -26.06 -12.48 6.27
CA GLU D 149 -27.11 -11.49 6.33
C GLU D 149 -26.72 -10.43 7.35
N LEU D 150 -26.84 -9.17 6.96
CA LEU D 150 -26.35 -8.06 7.77
C LEU D 150 -27.46 -7.05 7.95
N THR D 151 -27.53 -6.46 9.13
CA THR D 151 -28.29 -5.23 9.21
C THR D 151 -27.51 -4.14 8.50
N LEU D 152 -28.21 -3.05 8.19
CA LEU D 152 -27.57 -1.86 7.63
C LEU D 152 -26.30 -1.51 8.40
N ASP D 153 -26.39 -1.52 9.72
CA ASP D 153 -25.28 -1.08 10.55
C ASP D 153 -24.09 -2.04 10.46
N GLU D 154 -24.34 -3.35 10.48
CA GLU D 154 -23.24 -4.29 10.32
C GLU D 154 -22.59 -4.16 8.95
N ALA D 155 -23.38 -3.86 7.92
CA ALA D 155 -22.83 -3.57 6.60
C ALA D 155 -21.92 -2.35 6.62
N LEU D 156 -22.37 -1.26 7.27
CA LEU D 156 -21.53 -0.08 7.42
C LEU D 156 -20.24 -0.39 8.17
N GLN D 157 -20.30 -1.33 9.13
CA GLN D 157 -19.08 -1.73 9.81
C GLN D 157 -18.18 -2.53 8.89
N TYR D 158 -18.78 -3.39 8.04
CA TYR D 158 -17.97 -4.13 7.06
C TYR D 158 -17.28 -3.21 6.06
N ILE D 159 -17.88 -2.06 5.75
CA ILE D 159 -17.19 -1.10 4.89
C ILE D 159 -16.05 -0.43 5.64
N LYS D 160 -16.27 -0.10 6.92
CA LYS D 160 -15.19 0.44 7.76
C LYS D 160 -14.04 -0.55 7.88
N GLU D 161 -14.35 -1.84 8.00
CA GLU D 161 -13.33 -2.88 8.03
C GLU D 161 -12.76 -3.21 6.66
N GLN D 162 -13.37 -2.70 5.58
CA GLN D 162 -12.97 -3.02 4.20
C GLN D 162 -13.19 -4.51 3.85
N ARG D 163 -14.07 -5.19 4.59
CA ARG D 163 -14.53 -6.50 4.14
C ARG D 163 -15.57 -6.39 3.04
N ILE D 164 -16.29 -5.28 2.97
CA ILE D 164 -17.01 -4.90 1.76
C ILE D 164 -16.12 -3.93 0.99
N TYR D 165 -15.83 -4.29 -0.26
CA TYR D 165 -14.67 -3.66 -0.91
C TYR D 165 -14.80 -3.66 -2.43
N ASP D 166 -16.00 -3.77 -2.99
CA ASP D 166 -16.17 -3.66 -4.44
C ASP D 166 -17.34 -2.75 -4.75
N SER D 167 -17.34 -2.24 -5.99
CA SER D 167 -18.17 -1.11 -6.35
C SER D 167 -19.66 -1.46 -6.29
N LYS D 168 -20.06 -2.63 -6.79
CA LYS D 168 -21.48 -2.97 -6.78
C LYS D 168 -22.00 -3.07 -5.34
N THR D 169 -21.20 -3.59 -4.41
CA THR D 169 -21.69 -3.73 -3.04
C THR D 169 -21.68 -2.41 -2.29
N VAL D 170 -20.67 -1.56 -2.50
CA VAL D 170 -20.73 -0.24 -1.90
C VAL D 170 -21.95 0.52 -2.41
N ILE D 171 -22.25 0.41 -3.70
CA ILE D 171 -23.47 1.00 -4.22
C ILE D 171 -24.69 0.38 -3.55
N ALA D 172 -24.67 -0.94 -3.34
CA ALA D 172 -25.77 -1.60 -2.65
C ALA D 172 -25.96 -1.05 -1.23
N VAL D 173 -24.88 -0.81 -0.50
CA VAL D 173 -25.03 -0.35 0.87
C VAL D 173 -25.48 1.10 0.88
N GLN D 174 -24.97 1.92 -0.05
CA GLN D 174 -25.39 3.32 -0.06
C GLN D 174 -26.86 3.46 -0.40
N TYR D 175 -27.41 2.50 -1.16
CA TYR D 175 -28.83 2.52 -1.46
C TYR D 175 -29.65 2.10 -0.26
N LEU D 176 -29.17 1.08 0.47
CA LEU D 176 -29.79 0.72 1.74
C LEU D 176 -29.81 1.91 2.69
N GLN D 177 -28.72 2.69 2.70
CA GLN D 177 -28.70 3.91 3.50
C GLN D 177 -29.80 4.86 3.08
N LEU D 178 -29.92 5.13 1.78
CA LEU D 178 -30.91 6.08 1.29
C LEU D 178 -32.34 5.56 1.43
N GLN D 179 -32.54 4.25 1.61
CA GLN D 179 -33.87 3.77 1.98
C GLN D 179 -34.19 4.16 3.42
N GLU D 180 -33.20 4.08 4.32
CA GLU D 180 -33.44 4.48 5.70
C GLU D 180 -33.39 6.00 5.87
N ALA D 181 -32.51 6.68 5.14
CA ALA D 181 -32.39 8.14 5.24
C ALA D 181 -33.56 8.88 4.61
N LEU D 182 -34.44 8.16 3.93
CA LEU D 182 -35.74 8.69 3.53
C LEU D 182 -36.89 7.99 4.26
N LYS D 183 -36.60 6.92 5.01
CA LYS D 183 -37.48 6.48 6.08
C LYS D 183 -37.36 7.40 7.30
N ASN D 184 -36.14 7.88 7.59
CA ASN D 184 -35.81 8.69 8.77
C ASN D 184 -36.04 10.19 8.61
N LYS D 185 -35.82 10.75 7.41
CA LYS D 185 -36.32 12.09 7.13
C LYS D 185 -37.84 12.15 7.33
N LEU D 186 -38.52 11.05 7.08
CA LEU D 186 -39.95 10.92 7.27
C LEU D 186 -40.31 10.21 8.57
N GLU D 187 -39.33 9.87 9.41
CA GLU D 187 -39.58 9.40 10.77
C GLU D 187 -39.85 10.58 11.71
#